data_3EDV
#
_entry.id   3EDV
#
_cell.length_a   51.335
_cell.length_b   56.415
_cell.length_c   261.611
_cell.angle_alpha   90.00
_cell.angle_beta   90.00
_cell.angle_gamma   90.00
#
_symmetry.space_group_name_H-M   'P 21 21 21'
#
loop_
_entity.id
_entity.type
_entity.pdbx_description
1 polymer 'Spectrin beta chain, brain 1'
2 non-polymer 'MAGNESIUM ION'
3 water water
#
_entity_poly.entity_id   1
_entity_poly.type   'polypeptide(L)'
_entity_poly.pdbx_seq_one_letter_code
;GSHMRHRLFQLNREVDDLEQWIAEREVVAGSHELGQDYEHVTMLQERFREFARDTGNIGQERVDTVNHLADELINSGHSD
AATIAEWKDGLNEAWADLLELIDTRTQILAASYELHKFYHDAKEIFGRIQDKHKKLPEELGRDQNTVETLQRMHTTFEHD
IQALGTQVRQLQEDAARLQAAYAGDKADDIQKRENEVLEAWKSLLDACESRRVRLVDTGDKFRFFSMVRDLMLWMEDVIR
QIEAQEKPRDVSSVELLMNNHQGIKAEIDARNDSFTTCIELGKSLLARKHYASEEIKEKLLQLTEKRKEMIDKWEDRWEW
LRL
;
_entity_poly.pdbx_strand_id   A,B
#
loop_
_chem_comp.id
_chem_comp.type
_chem_comp.name
_chem_comp.formula
MG non-polymer 'MAGNESIUM ION' 'Mg 2'
#
# COMPACT_ATOMS: atom_id res chain seq x y z
N SER A 2 37.71 -5.93 34.81
CA SER A 2 36.29 -6.16 35.04
C SER A 2 35.44 -5.23 34.18
N HIS A 3 36.09 -4.26 33.54
CA HIS A 3 35.49 -3.54 32.42
C HIS A 3 34.92 -4.51 31.38
N MET A 4 35.74 -5.47 30.96
CA MET A 4 35.37 -6.37 29.88
C MET A 4 34.18 -7.23 30.25
N ARG A 5 34.06 -7.54 31.54
CA ARG A 5 32.90 -8.26 32.05
C ARG A 5 31.63 -7.41 31.94
N HIS A 6 31.75 -6.14 32.28
CA HIS A 6 30.62 -5.22 32.22
C HIS A 6 30.05 -5.16 30.80
N ARG A 7 30.93 -5.02 29.81
CA ARG A 7 30.52 -4.95 28.42
C ARG A 7 29.85 -6.24 27.98
N LEU A 8 30.30 -7.36 28.53
CA LEU A 8 29.75 -8.66 28.18
C LEU A 8 28.33 -8.82 28.69
N PHE A 9 28.12 -8.47 29.96
CA PHE A 9 26.80 -8.55 30.57
C PHE A 9 25.86 -7.53 29.95
N GLN A 10 26.38 -6.35 29.63
CA GLN A 10 25.62 -5.33 28.93
C GLN A 10 25.11 -5.85 27.59
N LEU A 11 26.00 -6.45 26.81
CA LEU A 11 25.63 -7.07 25.54
C LEU A 11 24.64 -8.22 25.77
N ASN A 12 24.95 -9.08 26.73
CA ASN A 12 24.07 -10.19 27.07
C ASN A 12 22.63 -9.75 27.25
N ARG A 13 22.43 -8.64 27.95
CA ARG A 13 21.10 -8.12 28.23
C ARG A 13 20.40 -7.65 26.95
N GLU A 14 21.14 -6.89 26.14
CA GLU A 14 20.61 -6.40 24.87
C GLU A 14 20.24 -7.57 23.95
N VAL A 15 21.01 -8.64 24.01
CA VAL A 15 20.76 -9.81 23.18
C VAL A 15 19.48 -10.52 23.58
N ASP A 16 19.35 -10.80 24.88
CA ASP A 16 18.17 -11.48 25.40
C ASP A 16 16.92 -10.63 25.22
N ASP A 17 17.09 -9.32 25.37
CA ASP A 17 15.97 -8.39 25.19
C ASP A 17 15.48 -8.38 23.75
N LEU A 18 16.39 -8.21 22.81
CA LEU A 18 16.05 -8.23 21.39
C LEU A 18 15.43 -9.56 20.98
N GLU A 19 15.99 -10.65 21.47
CA GLU A 19 15.40 -11.96 21.17
C GLU A 19 13.97 -12.10 21.73
N GLN A 20 13.76 -11.59 22.94
CA GLN A 20 12.40 -11.52 23.49
C GLN A 20 11.50 -10.77 22.50
N TRP A 21 11.89 -9.55 22.15
CA TRP A 21 11.12 -8.68 21.27
C TRP A 21 10.78 -9.39 19.93
N ILE A 22 11.79 -10.05 19.36
CA ILE A 22 11.64 -10.84 18.15
C ILE A 22 10.60 -11.97 18.36
N ALA A 23 10.67 -12.64 19.51
CA ALA A 23 9.71 -13.71 19.83
C ALA A 23 8.28 -13.15 19.86
N GLU A 24 8.11 -11.97 20.44
CA GLU A 24 6.80 -11.30 20.48
C GLU A 24 6.27 -10.97 19.10
N ARG A 25 7.13 -10.45 18.21
CA ARG A 25 6.74 -10.14 16.82
C ARG A 25 6.39 -11.41 16.04
N GLU A 26 7.15 -12.47 16.29
CA GLU A 26 6.89 -13.78 15.67
C GLU A 26 5.53 -14.39 16.01
N VAL A 27 5.05 -14.20 17.24
CA VAL A 27 3.68 -14.61 17.61
C VAL A 27 2.67 -13.94 16.69
N VAL A 28 2.90 -12.66 16.36
CA VAL A 28 1.94 -11.92 15.57
C VAL A 28 2.01 -12.38 14.12
N ALA A 29 3.23 -12.46 13.60
CA ALA A 29 3.48 -12.89 12.22
C ALA A 29 3.03 -14.33 12.01
N GLY A 30 3.00 -15.13 13.07
CA GLY A 30 2.68 -16.57 12.99
C GLY A 30 1.19 -16.90 13.14
N SER A 31 0.35 -15.87 13.22
CA SER A 31 -1.09 -16.07 13.37
C SER A 31 -1.61 -16.92 12.20
N HIS A 32 -2.52 -17.83 12.49
CA HIS A 32 -3.17 -18.59 11.40
C HIS A 32 -4.57 -18.13 11.10
N GLU A 33 -4.88 -16.90 11.50
CA GLU A 33 -6.22 -16.38 11.30
C GLU A 33 -6.29 -15.86 9.89
N LEU A 34 -7.27 -16.36 9.16
CA LEU A 34 -7.43 -16.03 7.75
C LEU A 34 -8.56 -15.00 7.50
N GLY A 35 -9.33 -14.65 8.52
CA GLY A 35 -10.47 -13.76 8.32
C GLY A 35 -11.76 -14.55 8.22
N GLN A 36 -12.77 -14.11 8.97
CA GLN A 36 -14.05 -14.81 9.02
C GLN A 36 -14.93 -14.42 7.84
N ASP A 37 -14.78 -13.19 7.38
CA ASP A 37 -15.41 -12.75 6.14
C ASP A 37 -14.53 -11.74 5.40
N TYR A 38 -15.06 -11.19 4.31
CA TYR A 38 -14.31 -10.26 3.48
C TYR A 38 -13.86 -9.04 4.28
N GLU A 39 -14.79 -8.45 5.03
CA GLU A 39 -14.50 -7.30 5.87
C GLU A 39 -13.35 -7.59 6.82
N HIS A 40 -13.37 -8.77 7.42
CA HIS A 40 -12.39 -9.13 8.43
C HIS A 40 -10.99 -9.22 7.84
N VAL A 41 -10.88 -9.88 6.70
CA VAL A 41 -9.58 -10.15 6.09
C VAL A 41 -9.00 -8.88 5.46
N THR A 42 -9.88 -8.02 4.96
CA THR A 42 -9.49 -6.66 4.59
C THR A 42 -8.73 -5.97 5.73
N MET A 43 -9.25 -6.12 6.94
CA MET A 43 -8.70 -5.41 8.09
C MET A 43 -7.43 -6.08 8.59
N LEU A 44 -7.51 -7.39 8.84
CA LEU A 44 -6.32 -8.20 9.04
C LEU A 44 -5.18 -7.77 8.12
N GLN A 45 -5.51 -7.59 6.84
CA GLN A 45 -4.49 -7.39 5.82
C GLN A 45 -3.83 -6.02 5.95
N GLU A 46 -4.65 -5.00 6.14
CA GLU A 46 -4.14 -3.63 6.33
C GLU A 46 -3.30 -3.53 7.60
N ARG A 47 -3.77 -4.15 8.67
CA ARG A 47 -3.15 -3.99 9.98
C ARG A 47 -1.78 -4.67 10.03
N PHE A 48 -1.63 -5.74 9.27
CA PHE A 48 -0.37 -6.46 9.19
C PHE A 48 0.60 -5.77 8.24
N ARG A 49 0.05 -5.17 7.18
CA ARG A 49 0.81 -4.25 6.34
C ARG A 49 1.56 -3.23 7.18
N GLU A 50 0.86 -2.60 8.11
CA GLU A 50 1.48 -1.65 9.04
C GLU A 50 2.46 -2.38 9.94
N PHE A 51 2.02 -3.49 10.53
CA PHE A 51 2.85 -4.28 11.43
C PHE A 51 4.17 -4.68 10.78
N ALA A 52 4.10 -5.20 9.54
CA ALA A 52 5.29 -5.63 8.81
C ALA A 52 6.26 -4.48 8.56
N ARG A 53 5.72 -3.32 8.19
CA ARG A 53 6.55 -2.12 8.01
C ARG A 53 7.25 -1.68 9.32
N ASP A 54 6.48 -1.53 10.39
CA ASP A 54 7.02 -1.13 11.71
C ASP A 54 8.07 -2.12 12.21
N THR A 55 7.70 -3.40 12.19
CA THR A 55 8.58 -4.47 12.65
C THR A 55 9.91 -4.46 11.92
N GLY A 56 9.88 -4.36 10.59
CA GLY A 56 11.06 -4.32 9.76
C GLY A 56 11.95 -3.12 10.03
N ASN A 57 11.32 -1.96 10.21
CA ASN A 57 12.07 -0.73 10.44
C ASN A 57 12.69 -0.67 11.83
N ILE A 58 11.89 -0.95 12.87
CA ILE A 58 12.37 -1.00 14.26
C ILE A 58 13.39 -2.15 14.43
N GLY A 59 12.99 -3.32 13.94
CA GLY A 59 13.81 -4.53 14.03
C GLY A 59 15.20 -4.40 13.40
N GLN A 60 15.27 -3.87 12.18
CA GLN A 60 16.53 -3.89 11.46
C GLN A 60 17.56 -3.04 12.17
N GLU A 61 17.14 -1.87 12.66
CA GLU A 61 18.04 -0.97 13.36
C GLU A 61 18.60 -1.62 14.62
N ARG A 62 17.73 -2.33 15.35
CA ARG A 62 18.13 -2.96 16.60
C ARG A 62 19.09 -4.11 16.36
N VAL A 63 18.75 -4.97 15.40
CA VAL A 63 19.64 -6.05 14.99
C VAL A 63 21.01 -5.51 14.59
N ASP A 64 21.02 -4.52 13.71
CA ASP A 64 22.26 -3.93 13.23
C ASP A 64 23.06 -3.32 14.38
N THR A 65 22.36 -2.68 15.30
CA THR A 65 22.99 -2.09 16.48
C THR A 65 23.67 -3.17 17.33
N VAL A 66 22.92 -4.22 17.65
CA VAL A 66 23.45 -5.32 18.44
C VAL A 66 24.63 -6.04 17.71
N ASN A 67 24.55 -6.22 16.38
CA ASN A 67 25.66 -6.84 15.63
C ASN A 67 26.95 -6.05 15.74
N HIS A 68 26.83 -4.73 15.57
CA HIS A 68 27.96 -3.82 15.73
C HIS A 68 28.64 -3.99 17.08
N LEU A 69 27.84 -3.96 18.16
CA LEU A 69 28.35 -4.12 19.54
C LEU A 69 29.01 -5.48 19.76
N ALA A 70 28.35 -6.52 19.27
CA ALA A 70 28.93 -7.87 19.35
C ALA A 70 30.22 -7.96 18.54
N ASP A 71 30.24 -7.37 17.35
CA ASP A 71 31.44 -7.40 16.47
C ASP A 71 32.59 -6.63 17.10
N GLU A 72 32.32 -5.44 17.66
CA GLU A 72 33.32 -4.68 18.46
C GLU A 72 34.01 -5.54 19.53
N LEU A 73 33.21 -6.26 20.32
CA LEU A 73 33.79 -7.15 21.33
C LEU A 73 34.66 -8.29 20.76
N ILE A 74 34.14 -9.02 19.76
CA ILE A 74 34.92 -10.05 19.06
C ILE A 74 36.25 -9.51 18.44
N ASN A 75 36.16 -8.38 17.73
CA ASN A 75 37.33 -7.78 17.04
C ASN A 75 38.45 -7.32 17.98
N SER A 76 38.08 -6.98 19.21
CA SER A 76 39.06 -6.55 20.20
C SER A 76 39.57 -7.74 21.04
N GLY A 77 39.20 -8.95 20.64
CA GLY A 77 39.70 -10.16 21.29
C GLY A 77 39.15 -10.38 22.70
N HIS A 78 37.89 -9.99 22.92
CA HIS A 78 37.22 -10.33 24.18
C HIS A 78 37.43 -11.80 24.50
N SER A 79 37.66 -12.09 25.78
CA SER A 79 37.90 -13.44 26.26
CA SER A 79 37.92 -13.45 26.23
C SER A 79 36.79 -14.42 25.86
N ASP A 80 35.57 -13.92 25.78
CA ASP A 80 34.39 -14.74 25.47
C ASP A 80 33.89 -14.56 24.05
N ALA A 81 34.80 -14.18 23.15
CA ALA A 81 34.46 -14.00 21.73
C ALA A 81 33.66 -15.17 21.17
N ALA A 82 34.07 -16.42 21.50
CA ALA A 82 33.35 -17.63 21.03
C ALA A 82 31.87 -17.63 21.37
N THR A 83 31.56 -17.38 22.64
CA THR A 83 30.19 -17.27 23.15
C THR A 83 29.40 -16.08 22.56
N ILE A 84 30.06 -14.92 22.46
CA ILE A 84 29.46 -13.73 21.84
C ILE A 84 29.04 -14.02 20.41
N ALA A 85 29.91 -14.70 19.66
CA ALA A 85 29.60 -15.06 18.27
C ALA A 85 28.42 -16.03 18.16
N GLU A 86 28.29 -16.89 19.16
CA GLU A 86 27.13 -17.77 19.31
C GLU A 86 25.83 -16.96 19.53
N TRP A 87 25.87 -15.98 20.44
CA TRP A 87 24.72 -15.09 20.64
C TRP A 87 24.33 -14.34 19.39
N LYS A 88 25.33 -13.73 18.76
N LYS A 88 25.33 -13.73 18.76
CA LYS A 88 25.17 -13.00 17.51
CA LYS A 88 25.17 -13.00 17.51
C LYS A 88 24.61 -13.83 16.35
C LYS A 88 24.61 -13.83 16.35
N ASP A 89 25.18 -15.01 16.13
CA ASP A 89 24.75 -15.88 15.05
C ASP A 89 23.28 -16.27 15.19
N GLY A 90 22.89 -16.62 16.41
CA GLY A 90 21.51 -17.04 16.70
C GLY A 90 20.49 -15.92 16.60
N LEU A 91 20.91 -14.72 17.00
CA LEU A 91 20.11 -13.53 16.82
C LEU A 91 19.81 -13.28 15.35
N ASN A 92 20.85 -13.34 14.53
CA ASN A 92 20.68 -13.14 13.10
C ASN A 92 19.75 -14.14 12.47
N GLU A 93 19.85 -15.40 12.91
CA GLU A 93 18.98 -16.49 12.46
C GLU A 93 17.56 -16.21 12.87
N ALA A 94 17.36 -15.79 14.12
CA ALA A 94 16.03 -15.41 14.60
C ALA A 94 15.41 -14.28 13.80
N TRP A 95 16.21 -13.26 13.49
CA TRP A 95 15.77 -12.11 12.68
C TRP A 95 15.40 -12.47 11.23
N ALA A 96 16.28 -13.20 10.57
CA ALA A 96 16.00 -13.69 9.23
C ALA A 96 14.74 -14.61 9.18
N ASP A 97 14.58 -15.48 10.19
CA ASP A 97 13.35 -16.28 10.36
C ASP A 97 12.12 -15.42 10.52
N LEU A 98 12.20 -14.35 11.32
CA LEU A 98 11.05 -13.44 11.50
C LEU A 98 10.68 -12.75 10.17
N LEU A 99 11.67 -12.26 9.44
CA LEU A 99 11.47 -11.67 8.10
C LEU A 99 10.80 -12.58 7.06
N GLU A 100 11.24 -13.83 6.96
CA GLU A 100 10.59 -14.83 6.08
CA GLU A 100 10.59 -14.83 6.08
C GLU A 100 9.16 -15.11 6.52
N LEU A 101 8.96 -15.18 7.84
CA LEU A 101 7.63 -15.43 8.40
C LEU A 101 6.65 -14.26 8.09
N ILE A 102 7.17 -13.05 8.12
CA ILE A 102 6.42 -11.88 7.71
C ILE A 102 6.04 -11.95 6.21
N ASP A 103 6.97 -12.38 5.39
CA ASP A 103 6.68 -12.55 3.96
C ASP A 103 5.64 -13.62 3.75
N THR A 104 5.71 -14.68 4.55
CA THR A 104 4.79 -15.79 4.44
C THR A 104 3.37 -15.36 4.80
N ARG A 105 3.24 -14.61 5.89
CA ARG A 105 1.94 -14.14 6.36
C ARG A 105 1.33 -13.15 5.37
N THR A 106 2.17 -12.25 4.85
CA THR A 106 1.74 -11.31 3.83
C THR A 106 1.14 -12.03 2.63
N GLN A 107 1.67 -13.22 2.33
CA GLN A 107 1.30 -13.95 1.13
C GLN A 107 -0.04 -14.65 1.29
N ILE A 108 -0.28 -15.18 2.48
CA ILE A 108 -1.48 -15.99 2.74
C ILE A 108 -2.64 -15.11 3.18
N LEU A 109 -2.34 -13.93 3.69
CA LEU A 109 -3.33 -12.88 3.84
C LEU A 109 -3.78 -12.35 2.48
N ALA A 110 -2.82 -12.12 1.59
CA ALA A 110 -3.13 -11.71 0.22
C ALA A 110 -4.00 -12.76 -0.47
N ALA A 111 -3.70 -14.03 -0.22
CA ALA A 111 -4.44 -15.12 -0.86
C ALA A 111 -5.83 -15.27 -0.27
N SER A 112 -5.93 -15.20 1.06
CA SER A 112 -7.21 -15.22 1.74
C SER A 112 -8.08 -14.04 1.31
N TYR A 113 -7.47 -12.87 1.19
CA TYR A 113 -8.18 -11.67 0.75
C TYR A 113 -8.87 -11.86 -0.62
N GLU A 114 -8.17 -12.47 -1.58
CA GLU A 114 -8.69 -12.61 -2.93
C GLU A 114 -9.75 -13.69 -3.05
N LEU A 115 -9.59 -14.75 -2.27
CA LEU A 115 -10.59 -15.79 -2.17
C LEU A 115 -11.87 -15.25 -1.50
N HIS A 116 -11.74 -14.58 -0.35
CA HIS A 116 -12.90 -13.99 0.34
C HIS A 116 -13.63 -13.02 -0.59
N LYS A 117 -12.84 -12.24 -1.33
CA LYS A 117 -13.36 -11.19 -2.21
C LYS A 117 -14.11 -11.80 -3.36
N PHE A 118 -13.62 -12.92 -3.89
CA PHE A 118 -14.34 -13.59 -4.96
C PHE A 118 -15.74 -14.01 -4.49
N TYR A 119 -15.82 -14.58 -3.30
CA TYR A 119 -17.09 -15.05 -2.79
C TYR A 119 -17.99 -13.92 -2.34
N HIS A 120 -17.38 -12.80 -1.91
CA HIS A 120 -18.10 -11.55 -1.58
C HIS A 120 -18.70 -10.88 -2.84
N ASP A 121 -17.91 -10.84 -3.92
CA ASP A 121 -18.35 -10.27 -5.18
C ASP A 121 -19.41 -11.16 -5.84
N ALA A 122 -19.20 -12.47 -5.83
CA ALA A 122 -20.14 -13.41 -6.41
C ALA A 122 -21.53 -13.31 -5.74
N LYS A 123 -21.55 -13.17 -4.41
CA LYS A 123 -22.82 -13.03 -3.70
C LYS A 123 -23.49 -11.67 -3.94
N GLU A 124 -22.67 -10.62 -3.99
CA GLU A 124 -23.16 -9.26 -4.28
C GLU A 124 -23.81 -9.17 -5.67
N ILE A 125 -23.08 -9.65 -6.67
CA ILE A 125 -23.52 -9.69 -8.06
C ILE A 125 -24.73 -10.63 -8.27
N PHE A 126 -24.70 -11.83 -7.70
CA PHE A 126 -25.84 -12.74 -7.83
C PHE A 126 -27.12 -12.09 -7.25
N GLY A 127 -26.95 -11.43 -6.11
CA GLY A 127 -28.04 -10.72 -5.47
C GLY A 127 -28.55 -9.54 -6.29
N ARG A 128 -27.64 -8.73 -6.82
CA ARG A 128 -28.00 -7.63 -7.73
C ARG A 128 -28.75 -8.14 -8.97
N ILE A 129 -28.27 -9.23 -9.57
CA ILE A 129 -28.94 -9.81 -10.76
C ILE A 129 -30.36 -10.31 -10.48
N GLN A 130 -30.46 -11.11 -9.42
CA GLN A 130 -31.77 -11.58 -8.93
C GLN A 130 -32.70 -10.41 -8.58
N ASP A 131 -32.17 -9.36 -7.93
CA ASP A 131 -33.01 -8.18 -7.63
C ASP A 131 -33.48 -7.50 -8.92
N LYS A 132 -32.59 -7.28 -9.88
CA LYS A 132 -32.95 -6.63 -11.16
CA LYS A 132 -32.98 -6.63 -11.13
C LYS A 132 -34.06 -7.43 -11.84
N HIS A 133 -33.87 -8.75 -11.89
CA HIS A 133 -34.78 -9.64 -12.58
C HIS A 133 -36.16 -9.64 -11.92
N LYS A 134 -36.18 -9.58 -10.58
CA LYS A 134 -37.47 -9.39 -9.83
C LYS A 134 -38.25 -8.10 -10.23
N LYS A 135 -37.53 -7.06 -10.67
CA LYS A 135 -38.14 -5.78 -11.03
C LYS A 135 -38.54 -5.64 -12.50
N LEU A 136 -38.23 -6.63 -13.33
CA LEU A 136 -38.64 -6.60 -14.74
C LEU A 136 -40.16 -6.69 -14.89
N PRO A 137 -40.79 -5.65 -15.48
CA PRO A 137 -42.24 -5.72 -15.73
C PRO A 137 -42.65 -6.78 -16.75
N GLU A 138 -43.93 -7.14 -16.74
CA GLU A 138 -44.53 -8.09 -17.69
C GLU A 138 -45.51 -7.43 -18.67
N GLU A 139 -46.09 -6.30 -18.28
CA GLU A 139 -47.15 -5.68 -19.08
C GLU A 139 -46.59 -5.15 -20.40
N LEU A 140 -47.35 -5.32 -21.47
CA LEU A 140 -46.88 -4.91 -22.80
C LEU A 140 -47.57 -3.66 -23.36
N GLY A 141 -48.69 -3.28 -22.76
CA GLY A 141 -49.44 -2.10 -23.17
C GLY A 141 -50.65 -2.44 -24.03
N ARG A 142 -51.64 -1.56 -24.02
CA ARG A 142 -52.95 -1.80 -24.64
C ARG A 142 -53.20 -0.84 -25.78
N ASP A 143 -52.24 0.06 -26.01
CA ASP A 143 -52.40 1.06 -27.07
C ASP A 143 -51.03 1.57 -27.38
N GLN A 144 -50.92 2.26 -28.52
CA GLN A 144 -49.65 2.68 -29.04
C GLN A 144 -48.88 3.53 -28.04
N ASN A 145 -49.57 4.49 -27.43
CA ASN A 145 -48.93 5.40 -26.48
C ASN A 145 -48.32 4.65 -25.30
N THR A 146 -49.06 3.70 -24.75
CA THR A 146 -48.58 2.97 -23.57
C THR A 146 -47.40 2.02 -23.91
N VAL A 147 -47.44 1.37 -25.07
CA VAL A 147 -46.24 0.62 -25.54
C VAL A 147 -45.05 1.56 -25.63
N GLU A 148 -45.19 2.69 -26.31
CA GLU A 148 -44.11 3.69 -26.39
C GLU A 148 -43.45 4.08 -25.06
N THR A 149 -44.29 4.30 -24.04
CA THR A 149 -43.83 4.58 -22.67
C THR A 149 -43.05 3.39 -22.09
N LEU A 150 -43.64 2.20 -22.21
CA LEU A 150 -42.97 0.98 -21.76
C LEU A 150 -41.65 0.73 -22.47
N GLN A 151 -41.60 1.00 -23.76
CA GLN A 151 -40.33 0.92 -24.47
C GLN A 151 -39.30 1.87 -23.89
N ARG A 152 -39.70 3.11 -23.57
CA ARG A 152 -38.77 4.09 -22.92
C ARG A 152 -38.25 3.54 -21.61
N MET A 153 -39.17 2.97 -20.86
CA MET A 153 -38.82 2.45 -19.57
C MET A 153 -37.92 1.20 -19.72
N HIS A 154 -38.05 0.44 -20.81
CA HIS A 154 -37.29 -0.80 -20.93
C HIS A 154 -35.86 -0.46 -21.36
N THR A 155 -35.75 0.59 -22.17
CA THR A 155 -34.46 1.18 -22.55
C THR A 155 -33.61 1.55 -21.34
N THR A 156 -34.24 2.27 -20.41
CA THR A 156 -33.65 2.63 -19.14
C THR A 156 -33.21 1.38 -18.35
N PHE A 157 -34.11 0.42 -18.23
CA PHE A 157 -33.82 -0.88 -17.61
C PHE A 157 -32.57 -1.55 -18.22
N GLU A 158 -32.54 -1.65 -19.54
CA GLU A 158 -31.39 -2.22 -20.26
C GLU A 158 -30.09 -1.41 -20.01
N HIS A 159 -30.21 -0.08 -19.94
CA HIS A 159 -29.07 0.77 -19.58
C HIS A 159 -28.58 0.50 -18.17
N ASP A 160 -29.51 0.47 -17.23
CA ASP A 160 -29.24 0.19 -15.82
C ASP A 160 -28.33 -1.04 -15.62
N ILE A 161 -28.38 -2.04 -16.50
CA ILE A 161 -27.68 -3.30 -16.23
C ILE A 161 -26.33 -3.44 -16.94
N GLN A 162 -25.94 -2.43 -17.73
CA GLN A 162 -24.63 -2.44 -18.41
C GLN A 162 -23.44 -2.56 -17.43
N ALA A 163 -23.42 -1.75 -16.38
CA ALA A 163 -22.35 -1.83 -15.37
C ALA A 163 -22.38 -3.17 -14.61
N LEU A 164 -23.57 -3.67 -14.33
CA LEU A 164 -23.73 -5.03 -13.82
C LEU A 164 -23.05 -6.11 -14.70
N GLY A 165 -23.28 -6.06 -16.01
CA GLY A 165 -22.51 -6.88 -16.96
C GLY A 165 -21.00 -6.76 -16.81
N THR A 166 -20.49 -5.57 -16.65
CA THR A 166 -19.05 -5.40 -16.53
C THR A 166 -18.55 -6.07 -15.26
N GLN A 167 -19.35 -6.00 -14.22
CA GLN A 167 -19.03 -6.69 -12.97
C GLN A 167 -19.07 -8.21 -13.08
N VAL A 168 -20.04 -8.72 -13.82
CA VAL A 168 -20.06 -10.15 -14.13
C VAL A 168 -18.78 -10.54 -14.90
N ARG A 169 -18.42 -9.75 -15.92
CA ARG A 169 -17.23 -10.13 -16.68
C ARG A 169 -15.97 -10.11 -15.83
N GLN A 170 -15.85 -9.11 -14.94
CA GLN A 170 -14.73 -9.02 -14.00
C GLN A 170 -14.68 -10.27 -13.11
N LEU A 171 -15.84 -10.70 -12.60
CA LEU A 171 -15.92 -11.90 -11.77
C LEU A 171 -15.43 -13.17 -12.49
N GLN A 172 -15.75 -13.25 -13.78
CA GLN A 172 -15.25 -14.33 -14.64
C GLN A 172 -13.74 -14.28 -14.77
N GLU A 173 -13.19 -13.08 -14.97
CA GLU A 173 -11.74 -12.89 -14.99
C GLU A 173 -11.09 -13.37 -13.69
N ASP A 174 -11.68 -12.96 -12.57
CA ASP A 174 -11.22 -13.32 -11.22
C ASP A 174 -11.33 -14.84 -10.98
N ALA A 175 -12.50 -15.38 -11.32
CA ALA A 175 -12.74 -16.82 -11.34
C ALA A 175 -11.66 -17.62 -12.13
N ALA A 176 -11.38 -17.29 -13.39
CA ALA A 176 -10.32 -17.99 -14.16
C ALA A 176 -8.93 -17.88 -13.53
N ARG A 177 -8.59 -16.70 -13.00
CA ARG A 177 -7.30 -16.47 -12.35
CA ARG A 177 -7.31 -16.47 -12.37
C ARG A 177 -7.14 -17.30 -11.10
N LEU A 178 -8.18 -17.33 -10.26
CA LEU A 178 -8.16 -18.12 -9.04
C LEU A 178 -8.18 -19.62 -9.35
N GLN A 179 -9.01 -20.03 -10.31
CA GLN A 179 -9.05 -21.43 -10.78
C GLN A 179 -7.71 -21.92 -11.32
N ALA A 180 -6.98 -21.05 -12.03
CA ALA A 180 -5.60 -21.36 -12.46
C ALA A 180 -4.66 -21.47 -11.27
N ALA A 181 -4.86 -20.61 -10.28
CA ALA A 181 -4.01 -20.55 -9.08
C ALA A 181 -4.12 -21.77 -8.17
N TYR A 182 -5.35 -22.22 -7.93
CA TYR A 182 -5.63 -23.39 -7.12
C TYR A 182 -6.11 -24.57 -7.99
N ALA A 183 -6.54 -25.64 -7.34
CA ALA A 183 -6.97 -26.86 -8.04
C ALA A 183 -7.70 -27.78 -7.05
N GLY A 184 -8.27 -28.87 -7.56
CA GLY A 184 -9.07 -29.76 -6.72
C GLY A 184 -10.37 -29.09 -6.32
N ASP A 185 -10.91 -29.47 -5.15
CA ASP A 185 -12.23 -29.01 -4.73
C ASP A 185 -12.41 -27.49 -4.56
N LYS A 186 -11.29 -26.78 -4.37
CA LYS A 186 -11.34 -25.33 -4.22
C LYS A 186 -11.64 -24.62 -5.56
N ALA A 187 -10.93 -25.04 -6.60
CA ALA A 187 -11.13 -24.58 -7.98
C ALA A 187 -12.53 -24.96 -8.46
N ASP A 188 -12.95 -26.18 -8.12
CA ASP A 188 -14.30 -26.65 -8.39
C ASP A 188 -15.37 -25.79 -7.73
N ASP A 189 -15.14 -25.40 -6.47
CA ASP A 189 -16.03 -24.50 -5.75
C ASP A 189 -16.17 -23.15 -6.42
N ILE A 190 -15.05 -22.60 -6.87
CA ILE A 190 -15.02 -21.34 -7.61
C ILE A 190 -15.81 -21.43 -8.93
N GLN A 191 -15.58 -22.49 -9.72
CA GLN A 191 -16.34 -22.66 -10.98
C GLN A 191 -17.83 -22.84 -10.75
N LYS A 192 -18.18 -23.52 -9.66
CA LYS A 192 -19.56 -23.70 -9.26
C LYS A 192 -20.24 -22.34 -9.02
N ARG A 193 -19.61 -21.50 -8.19
CA ARG A 193 -20.13 -20.18 -7.88
C ARG A 193 -20.22 -19.28 -9.12
N GLU A 194 -19.18 -19.32 -9.95
CA GLU A 194 -19.15 -18.57 -11.23
C GLU A 194 -20.30 -18.97 -12.17
N ASN A 195 -20.50 -20.26 -12.34
CA ASN A 195 -21.58 -20.74 -13.21
C ASN A 195 -22.95 -20.31 -12.72
N GLU A 196 -23.11 -20.28 -11.39
CA GLU A 196 -24.37 -19.84 -10.77
C GLU A 196 -24.70 -18.40 -11.15
N VAL A 197 -23.70 -17.52 -10.99
CA VAL A 197 -23.86 -16.14 -11.40
C VAL A 197 -24.10 -16.01 -12.93
N LEU A 198 -23.34 -16.76 -13.73
CA LEU A 198 -23.44 -16.66 -15.19
C LEU A 198 -24.80 -17.11 -15.71
N GLU A 199 -25.39 -18.09 -15.04
CA GLU A 199 -26.71 -18.58 -15.39
C GLU A 199 -27.80 -17.59 -15.06
N ALA A 200 -27.74 -16.99 -13.87
CA ALA A 200 -28.63 -15.89 -13.49
C ALA A 200 -28.49 -14.70 -14.44
N TRP A 201 -27.23 -14.33 -14.77
CA TRP A 201 -26.94 -13.27 -15.75
C TRP A 201 -27.57 -13.56 -17.11
N LYS A 202 -27.32 -14.75 -17.63
CA LYS A 202 -27.96 -15.20 -18.86
C LYS A 202 -29.48 -15.18 -18.79
N SER A 203 -30.04 -15.65 -17.69
CA SER A 203 -31.49 -15.64 -17.53
C SER A 203 -32.02 -14.21 -17.63
N LEU A 204 -31.32 -13.26 -17.02
CA LEU A 204 -31.74 -11.84 -17.01
C LEU A 204 -31.67 -11.26 -18.41
N LEU A 205 -30.53 -11.44 -19.07
CA LEU A 205 -30.33 -10.95 -20.44
C LEU A 205 -31.37 -11.49 -21.44
N ASP A 206 -31.61 -12.80 -21.43
CA ASP A 206 -32.68 -13.42 -22.25
C ASP A 206 -34.06 -12.79 -21.97
N ALA A 207 -34.38 -12.61 -20.69
CA ALA A 207 -35.63 -11.95 -20.30
C ALA A 207 -35.73 -10.52 -20.84
N CYS A 208 -34.67 -9.74 -20.67
CA CYS A 208 -34.63 -8.36 -21.21
C CYS A 208 -34.81 -8.36 -22.70
N GLU A 209 -34.20 -9.31 -23.41
CA GLU A 209 -34.29 -9.27 -24.87
C GLU A 209 -35.68 -9.73 -25.32
N SER A 210 -36.24 -10.72 -24.64
CA SER A 210 -37.60 -11.18 -24.95
C SER A 210 -38.60 -10.03 -24.76
N ARG A 211 -38.49 -9.31 -23.66
CA ARG A 211 -39.34 -8.14 -23.44
C ARG A 211 -39.16 -7.07 -24.54
N ARG A 212 -37.92 -6.69 -24.82
CA ARG A 212 -37.61 -5.70 -25.84
C ARG A 212 -38.38 -6.07 -27.13
N VAL A 213 -38.24 -7.32 -27.56
CA VAL A 213 -38.85 -7.77 -28.80
C VAL A 213 -40.38 -7.81 -28.77
N ARG A 214 -40.96 -8.30 -27.69
CA ARG A 214 -42.42 -8.33 -27.57
C ARG A 214 -43.01 -6.93 -27.52
N LEU A 215 -42.29 -5.98 -26.92
CA LEU A 215 -42.69 -4.55 -26.97
C LEU A 215 -42.64 -3.96 -28.38
N VAL A 216 -41.58 -4.26 -29.14
CA VAL A 216 -41.53 -3.79 -30.54
C VAL A 216 -42.70 -4.39 -31.32
N ASP A 217 -42.89 -5.70 -31.18
CA ASP A 217 -43.96 -6.39 -31.90
C ASP A 217 -45.33 -5.80 -31.55
N THR A 218 -45.56 -5.58 -30.27
CA THR A 218 -46.85 -5.08 -29.80
C THR A 218 -47.10 -3.66 -30.29
N GLY A 219 -46.08 -2.82 -30.20
CA GLY A 219 -46.18 -1.44 -30.66
C GLY A 219 -46.44 -1.36 -32.16
N ASP A 220 -45.76 -2.20 -32.92
CA ASP A 220 -45.92 -2.23 -34.38
C ASP A 220 -47.34 -2.63 -34.76
N LYS A 221 -47.91 -3.56 -34.00
CA LYS A 221 -49.28 -4.00 -34.22
C LYS A 221 -50.26 -2.84 -34.04
N PHE A 222 -50.10 -2.09 -32.96
CA PHE A 222 -51.00 -0.98 -32.65
C PHE A 222 -50.82 0.16 -33.66
N ARG A 223 -49.58 0.37 -34.10
CA ARG A 223 -49.29 1.41 -35.04
C ARG A 223 -49.93 1.03 -36.42
N PHE A 224 -49.78 -0.21 -36.82
CA PHE A 224 -50.45 -0.69 -38.05
C PHE A 224 -51.99 -0.51 -37.92
N PHE A 225 -52.56 -0.96 -36.81
CA PHE A 225 -54.02 -0.87 -36.68
C PHE A 225 -54.42 0.59 -36.76
N SER A 226 -53.60 1.47 -36.16
CA SER A 226 -53.85 2.89 -36.19
CA SER A 226 -53.89 2.88 -36.21
C SER A 226 -53.85 3.48 -37.60
N MET A 227 -52.81 3.14 -38.37
CA MET A 227 -52.70 3.52 -39.78
C MET A 227 -53.88 3.07 -40.61
N VAL A 228 -54.32 1.82 -40.41
CA VAL A 228 -55.47 1.32 -41.14
C VAL A 228 -56.71 2.12 -40.77
N ARG A 229 -56.94 2.34 -39.47
CA ARG A 229 -58.12 3.09 -39.02
C ARG A 229 -58.19 4.50 -39.63
N ASP A 230 -57.05 5.20 -39.69
CA ASP A 230 -56.95 6.58 -40.20
C ASP A 230 -57.38 6.55 -41.71
N LEU A 231 -56.84 5.58 -42.44
CA LEU A 231 -57.18 5.45 -43.88
C LEU A 231 -58.65 5.08 -44.08
N MET A 232 -59.16 4.12 -43.30
CA MET A 232 -60.60 3.69 -43.42
C MET A 232 -61.56 4.84 -43.19
N LEU A 233 -61.31 5.66 -42.16
CA LEU A 233 -62.22 6.76 -41.79
C LEU A 233 -62.21 7.82 -42.88
N TRP A 234 -61.03 8.19 -43.29
CA TRP A 234 -60.83 9.04 -44.49
C TRP A 234 -61.52 8.54 -45.76
N MET A 235 -61.24 7.29 -46.15
CA MET A 235 -61.89 6.73 -47.32
C MET A 235 -63.41 6.75 -47.22
N GLU A 236 -63.96 6.40 -46.08
CA GLU A 236 -65.41 6.41 -45.95
C GLU A 236 -65.99 7.82 -46.11
N ASP A 237 -65.27 8.82 -45.60
CA ASP A 237 -65.64 10.19 -45.86
C ASP A 237 -65.51 10.62 -47.32
N VAL A 238 -64.47 10.16 -48.04
CA VAL A 238 -64.33 10.50 -49.46
C VAL A 238 -65.50 9.91 -50.21
N ILE A 239 -65.82 8.64 -49.93
CA ILE A 239 -66.99 7.99 -50.56
C ILE A 239 -68.28 8.81 -50.26
N ARG A 240 -68.46 9.20 -49.00
CA ARG A 240 -69.63 10.07 -48.67
C ARG A 240 -69.63 11.41 -49.47
N GLN A 241 -68.47 12.04 -49.62
CA GLN A 241 -68.37 13.25 -50.45
C GLN A 241 -68.79 13.04 -51.92
N ILE A 242 -68.38 11.90 -52.47
CA ILE A 242 -68.72 11.55 -53.86
C ILE A 242 -70.23 11.29 -53.93
N GLU A 243 -70.74 10.57 -52.94
CA GLU A 243 -72.14 10.20 -52.90
C GLU A 243 -73.06 11.42 -52.67
N ALA A 244 -72.52 12.47 -52.04
CA ALA A 244 -73.27 13.71 -51.78
C ALA A 244 -73.36 14.71 -52.95
N GLN A 245 -72.64 14.44 -54.02
CA GLN A 245 -72.55 15.34 -55.17
C GLN A 245 -73.92 15.47 -55.82
N GLU A 246 -74.29 16.68 -56.18
CA GLU A 246 -75.57 16.86 -56.89
C GLU A 246 -75.45 16.65 -58.41
N LYS A 247 -76.42 15.95 -58.99
CA LYS A 247 -76.51 15.80 -60.43
CA LYS A 247 -76.51 15.80 -60.43
C LYS A 247 -76.64 17.15 -61.12
N PRO A 248 -75.67 17.49 -61.96
CA PRO A 248 -75.62 18.80 -62.60
C PRO A 248 -76.71 18.95 -63.65
N ARG A 249 -77.19 20.17 -63.85
CA ARG A 249 -78.38 20.41 -64.66
C ARG A 249 -78.08 21.37 -65.81
N ASP A 250 -76.85 21.86 -65.84
CA ASP A 250 -76.40 22.71 -66.94
C ASP A 250 -74.88 22.71 -67.06
N VAL A 251 -74.37 23.30 -68.13
CA VAL A 251 -72.99 23.08 -68.55
C VAL A 251 -72.00 23.64 -67.53
N SER A 252 -72.37 24.77 -66.93
CA SER A 252 -71.53 25.41 -65.93
C SER A 252 -71.40 24.54 -64.68
N SER A 253 -72.53 23.99 -64.24
CA SER A 253 -72.54 23.08 -63.09
C SER A 253 -71.71 21.83 -63.38
N VAL A 254 -71.85 21.30 -64.59
CA VAL A 254 -71.07 20.13 -65.01
C VAL A 254 -69.57 20.41 -64.94
N GLU A 255 -69.16 21.52 -65.53
CA GLU A 255 -67.78 21.97 -65.41
CA GLU A 255 -67.85 22.01 -65.34
C GLU A 255 -67.29 22.16 -63.95
N LEU A 256 -68.09 22.85 -63.12
CA LEU A 256 -67.73 22.98 -61.68
C LEU A 256 -67.57 21.62 -61.00
N LEU A 257 -68.56 20.73 -61.19
CA LEU A 257 -68.49 19.42 -60.54
C LEU A 257 -67.28 18.60 -61.03
N MET A 258 -67.00 18.63 -62.35
CA MET A 258 -65.80 17.93 -62.91
C MET A 258 -64.51 18.45 -62.28
N ASN A 259 -64.42 19.76 -62.16
CA ASN A 259 -63.33 20.31 -61.36
C ASN A 259 -63.27 19.82 -59.92
N ASN A 260 -64.39 19.89 -59.23
CA ASN A 260 -64.40 19.46 -57.84
C ASN A 260 -64.07 17.97 -57.75
N HIS A 261 -64.58 17.18 -58.69
CA HIS A 261 -64.27 15.73 -58.76
C HIS A 261 -62.81 15.45 -58.97
N GLN A 262 -62.16 16.20 -59.84
CA GLN A 262 -60.73 16.03 -60.08
C GLN A 262 -59.91 16.50 -58.88
N GLY A 263 -60.45 17.46 -58.14
CA GLY A 263 -59.90 17.82 -56.85
C GLY A 263 -59.90 16.65 -55.87
N ILE A 264 -60.93 15.83 -55.93
CA ILE A 264 -61.09 14.72 -55.00
C ILE A 264 -60.08 13.61 -55.28
N LYS A 265 -59.89 13.30 -56.56
CA LYS A 265 -58.81 12.41 -56.97
C LYS A 265 -57.46 12.88 -56.46
N ALA A 266 -57.17 14.17 -56.69
CA ALA A 266 -55.95 14.78 -56.19
C ALA A 266 -55.75 14.46 -54.71
N GLU A 267 -56.79 14.65 -53.95
N GLU A 267 -56.81 14.65 -53.90
CA GLU A 267 -56.75 14.30 -52.53
CA GLU A 267 -56.79 14.30 -52.49
C GLU A 267 -56.52 12.80 -52.33
C GLU A 267 -56.56 12.80 -52.29
N ILE A 268 -57.23 12.00 -53.11
CA ILE A 268 -57.07 10.55 -53.07
C ILE A 268 -55.62 10.15 -53.39
N ASP A 269 -55.11 10.66 -54.50
CA ASP A 269 -53.78 10.29 -54.96
C ASP A 269 -52.70 10.76 -54.00
N ALA A 270 -53.01 11.81 -53.24
CA ALA A 270 -52.09 12.33 -52.19
C ALA A 270 -51.78 11.34 -51.06
N ARG A 271 -52.67 10.36 -50.86
CA ARG A 271 -52.48 9.34 -49.88
C ARG A 271 -51.67 8.15 -50.38
N ASN A 272 -51.13 8.17 -51.61
CA ASN A 272 -50.41 6.96 -52.07
C ASN A 272 -49.29 6.52 -51.11
N ASP A 273 -48.45 7.45 -50.65
CA ASP A 273 -47.40 7.12 -49.67
C ASP A 273 -47.95 6.48 -48.41
N SER A 274 -49.04 7.05 -47.87
CA SER A 274 -49.68 6.51 -46.65
C SER A 274 -50.17 5.08 -46.79
N PHE A 275 -50.80 4.78 -47.94
CA PHE A 275 -51.20 3.41 -48.19
C PHE A 275 -49.98 2.51 -48.27
N THR A 276 -48.97 2.98 -48.98
CA THR A 276 -47.78 2.16 -49.14
C THR A 276 -47.12 1.87 -47.80
N THR A 277 -46.98 2.90 -46.97
CA THR A 277 -46.40 2.73 -45.64
C THR A 277 -47.20 1.73 -44.82
N CYS A 278 -48.53 1.84 -44.86
CA CYS A 278 -49.40 1.00 -44.06
C CYS A 278 -49.34 -0.45 -44.52
N ILE A 279 -49.46 -0.66 -45.83
CA ILE A 279 -49.47 -2.01 -46.39
CA ILE A 279 -49.47 -2.01 -46.39
C ILE A 279 -48.13 -2.71 -46.16
N GLU A 280 -47.04 -1.96 -46.28
CA GLU A 280 -45.71 -2.50 -46.09
CA GLU A 280 -45.71 -2.50 -46.09
C GLU A 280 -45.47 -2.90 -44.63
N LEU A 281 -46.01 -2.11 -43.72
CA LEU A 281 -45.98 -2.44 -42.30
C LEU A 281 -46.72 -3.74 -42.03
N GLY A 282 -47.95 -3.84 -42.55
CA GLY A 282 -48.74 -5.04 -42.42
C GLY A 282 -48.04 -6.28 -42.95
N LYS A 283 -47.52 -6.17 -44.16
CA LYS A 283 -46.76 -7.26 -44.77
C LYS A 283 -45.53 -7.61 -43.94
N SER A 284 -44.90 -6.59 -43.36
CA SER A 284 -43.69 -6.79 -42.57
C SER A 284 -43.99 -7.59 -41.30
N LEU A 285 -45.18 -7.39 -40.75
CA LEU A 285 -45.59 -8.13 -39.55
C LEU A 285 -45.90 -9.58 -39.89
N LEU A 286 -46.36 -9.83 -41.11
CA LEU A 286 -46.77 -11.17 -41.53
C LEU A 286 -45.57 -12.06 -41.79
N ALA A 287 -44.57 -11.52 -42.48
CA ALA A 287 -43.30 -12.21 -42.66
C ALA A 287 -42.60 -12.45 -41.34
N ARG A 288 -42.85 -11.58 -40.37
CA ARG A 288 -42.35 -11.77 -39.01
C ARG A 288 -43.01 -12.95 -38.34
N LYS A 289 -44.10 -13.44 -38.94
CA LYS A 289 -44.97 -14.40 -38.28
C LYS A 289 -45.50 -13.84 -36.96
N HIS A 290 -46.03 -12.62 -37.01
CA HIS A 290 -46.70 -12.03 -35.85
C HIS A 290 -47.80 -12.95 -35.33
N TYR A 291 -48.11 -12.82 -34.05
CA TYR A 291 -49.12 -13.66 -33.41
C TYR A 291 -50.52 -13.14 -33.72
N ALA A 292 -50.61 -11.92 -34.20
CA ALA A 292 -51.89 -11.34 -34.60
C ALA A 292 -52.07 -11.41 -36.11
N SER A 293 -51.40 -12.37 -36.74
CA SER A 293 -51.31 -12.41 -38.19
C SER A 293 -52.69 -12.50 -38.83
N GLU A 294 -53.58 -13.27 -38.20
CA GLU A 294 -54.91 -13.49 -38.73
C GLU A 294 -55.69 -12.18 -38.82
N GLU A 295 -55.66 -11.40 -37.74
CA GLU A 295 -56.29 -10.06 -37.73
C GLU A 295 -55.58 -9.01 -38.61
N ILE A 296 -54.25 -9.08 -38.67
CA ILE A 296 -53.49 -8.21 -39.60
C ILE A 296 -53.91 -8.48 -41.06
N LYS A 297 -54.03 -9.74 -41.42
CA LYS A 297 -54.50 -10.13 -42.75
C LYS A 297 -55.93 -9.61 -43.05
N GLU A 298 -56.83 -9.82 -42.12
CA GLU A 298 -58.18 -9.27 -42.24
C GLU A 298 -58.17 -7.74 -42.46
N LYS A 299 -57.35 -7.01 -41.69
N LYS A 299 -57.33 -7.02 -41.71
CA LYS A 299 -57.28 -5.55 -41.86
CA LYS A 299 -57.27 -5.57 -41.84
C LYS A 299 -56.69 -5.11 -43.19
C LYS A 299 -56.65 -5.08 -43.15
N LEU A 300 -55.63 -5.79 -43.66
CA LEU A 300 -55.03 -5.47 -44.96
C LEU A 300 -56.09 -5.61 -46.01
N LEU A 301 -56.87 -6.68 -45.92
CA LEU A 301 -57.93 -6.91 -46.89
C LEU A 301 -59.04 -5.89 -46.76
N GLN A 302 -59.46 -5.56 -45.55
CA GLN A 302 -60.50 -4.54 -45.44
C GLN A 302 -60.00 -3.23 -46.06
N LEU A 303 -58.73 -2.92 -45.82
CA LEU A 303 -58.14 -1.69 -46.32
C LEU A 303 -58.14 -1.65 -47.83
N THR A 304 -57.59 -2.70 -48.46
CA THR A 304 -57.49 -2.67 -49.90
C THR A 304 -58.86 -2.75 -50.58
N GLU A 305 -59.79 -3.51 -50.02
CA GLU A 305 -61.16 -3.53 -50.53
C GLU A 305 -61.87 -2.15 -50.45
N LYS A 306 -61.71 -1.44 -49.35
CA LYS A 306 -62.33 -0.11 -49.18
C LYS A 306 -61.72 0.86 -50.22
N ARG A 307 -60.42 0.77 -50.46
CA ARG A 307 -59.75 1.63 -51.42
C ARG A 307 -60.23 1.32 -52.86
N LYS A 308 -60.37 0.05 -53.18
CA LYS A 308 -60.95 -0.34 -54.47
C LYS A 308 -62.38 0.22 -54.65
N GLU A 309 -63.21 0.13 -53.61
CA GLU A 309 -64.59 0.68 -53.59
C GLU A 309 -64.55 2.21 -53.81
N MET A 310 -63.74 2.94 -53.02
CA MET A 310 -63.59 4.39 -53.19
C MET A 310 -63.16 4.75 -54.65
N ILE A 311 -62.13 4.07 -55.15
N ILE A 311 -62.17 4.06 -55.18
CA ILE A 311 -61.61 4.31 -56.50
CA ILE A 311 -61.66 4.39 -56.50
C ILE A 311 -62.69 4.02 -57.52
C ILE A 311 -62.62 3.96 -57.60
N ASP A 312 -63.34 2.87 -57.38
CA ASP A 312 -64.41 2.45 -58.34
C ASP A 312 -65.54 3.49 -58.37
N LYS A 313 -65.91 3.98 -57.19
CA LYS A 313 -66.99 4.99 -57.10
C LYS A 313 -66.52 6.31 -57.71
N TRP A 314 -65.26 6.69 -57.44
CA TRP A 314 -64.69 7.88 -58.08
C TRP A 314 -64.71 7.75 -59.64
N GLU A 315 -64.26 6.60 -60.14
CA GLU A 315 -64.16 6.42 -61.62
C GLU A 315 -65.53 6.34 -62.26
N ASP A 316 -66.48 5.70 -61.61
CA ASP A 316 -67.82 5.55 -62.28
CA ASP A 316 -67.78 5.52 -62.23
C ASP A 316 -68.46 6.89 -62.31
N ARG A 317 -68.24 7.70 -61.28
CA ARG A 317 -68.75 9.07 -61.25
C ARG A 317 -68.12 9.91 -62.36
N TRP A 318 -66.80 9.77 -62.53
CA TRP A 318 -66.07 10.55 -63.51
C TRP A 318 -66.53 10.22 -64.93
N GLU A 319 -66.69 8.94 -65.21
CA GLU A 319 -67.11 8.49 -66.53
C GLU A 319 -68.47 9.07 -66.91
N TRP A 320 -69.45 8.89 -66.03
CA TRP A 320 -70.79 9.39 -66.27
C TRP A 320 -70.80 10.90 -66.44
N LEU A 321 -69.87 11.57 -65.75
CA LEU A 321 -69.80 13.02 -65.79
C LEU A 321 -69.26 13.52 -67.15
N ARG A 322 -68.20 12.87 -67.61
CA ARG A 322 -67.39 13.43 -68.68
C ARG A 322 -67.98 13.09 -70.05
N LEU A 323 -69.00 12.23 -70.05
CA LEU A 323 -69.77 11.97 -71.26
C LEU A 323 -71.15 12.62 -71.19
N SER B 2 -32.66 0.64 -36.16
CA SER B 2 -33.12 1.83 -35.47
C SER B 2 -33.05 1.66 -33.96
N HIS B 3 -33.08 0.41 -33.51
CA HIS B 3 -32.47 0.03 -32.24
C HIS B 3 -30.96 0.21 -32.29
N MET B 4 -30.33 -0.31 -33.35
CA MET B 4 -28.92 -0.09 -33.59
C MET B 4 -28.62 1.40 -33.77
N ARG B 5 -29.65 2.17 -34.11
CA ARG B 5 -29.54 3.62 -34.14
C ARG B 5 -29.44 4.20 -32.74
N HIS B 6 -30.26 3.70 -31.83
CA HIS B 6 -30.26 4.16 -30.45
C HIS B 6 -29.00 3.72 -29.73
N ARG B 7 -28.66 2.44 -29.86
CA ARG B 7 -27.44 1.91 -29.26
C ARG B 7 -26.22 2.74 -29.63
N LEU B 8 -26.21 3.24 -30.86
CA LEU B 8 -25.11 4.08 -31.35
C LEU B 8 -25.15 5.46 -30.70
N PHE B 9 -26.34 6.04 -30.61
CA PHE B 9 -26.52 7.35 -29.99
C PHE B 9 -26.18 7.30 -28.50
N GLN B 10 -26.55 6.20 -27.85
CA GLN B 10 -26.26 6.00 -26.43
C GLN B 10 -24.75 5.89 -26.19
N LEU B 11 -24.09 5.11 -27.03
CA LEU B 11 -22.64 4.91 -26.91
C LEU B 11 -21.89 6.22 -27.06
N ASN B 12 -22.25 6.99 -28.08
CA ASN B 12 -21.70 8.33 -28.26
C ASN B 12 -21.77 9.16 -26.98
N ARG B 13 -22.96 9.24 -26.39
CA ARG B 13 -23.14 9.92 -25.09
C ARG B 13 -22.16 9.45 -24.01
N GLU B 14 -22.11 8.14 -23.79
CA GLU B 14 -21.21 7.52 -22.81
C GLU B 14 -19.74 7.86 -23.07
N VAL B 15 -19.32 7.82 -24.34
CA VAL B 15 -17.92 8.12 -24.65
C VAL B 15 -17.61 9.60 -24.33
N ASP B 16 -18.49 10.50 -24.77
CA ASP B 16 -18.32 11.93 -24.47
C ASP B 16 -18.29 12.18 -22.95
N ASP B 17 -19.21 11.62 -22.17
CA ASP B 17 -19.26 11.75 -20.71
CA ASP B 17 -19.15 11.91 -20.73
C ASP B 17 -17.91 11.30 -20.07
N LEU B 18 -17.49 10.11 -20.49
CA LEU B 18 -16.27 9.51 -19.95
C LEU B 18 -15.00 10.31 -20.31
N GLU B 19 -14.88 10.75 -21.55
CA GLU B 19 -13.73 11.54 -21.91
C GLU B 19 -13.69 12.90 -21.16
N GLN B 20 -14.87 13.46 -20.91
CA GLN B 20 -14.92 14.67 -20.11
C GLN B 20 -14.36 14.35 -18.72
N TRP B 21 -14.77 13.23 -18.11
CA TRP B 21 -14.33 12.83 -16.76
C TRP B 21 -12.80 12.58 -16.74
N ILE B 22 -12.28 11.92 -17.77
CA ILE B 22 -10.83 11.70 -17.90
C ILE B 22 -10.10 13.04 -18.01
N ALA B 23 -10.62 13.98 -18.79
CA ALA B 23 -9.98 15.30 -18.91
C ALA B 23 -9.93 16.02 -17.57
N GLU B 24 -10.98 15.88 -16.76
CA GLU B 24 -10.97 16.46 -15.39
C GLU B 24 -9.84 15.89 -14.53
N ARG B 25 -9.72 14.56 -14.58
CA ARG B 25 -8.66 13.89 -13.84
C ARG B 25 -7.25 14.23 -14.34
N GLU B 26 -7.10 14.47 -15.64
CA GLU B 26 -5.79 14.83 -16.21
C GLU B 26 -5.22 16.15 -15.65
N VAL B 27 -6.10 17.11 -15.35
CA VAL B 27 -5.69 18.40 -14.73
C VAL B 27 -4.92 18.18 -13.43
N VAL B 28 -5.51 17.36 -12.56
CA VAL B 28 -4.89 16.97 -11.29
C VAL B 28 -3.62 16.17 -11.50
N ALA B 29 -3.69 15.15 -12.36
CA ALA B 29 -2.52 14.28 -12.58
C ALA B 29 -1.32 15.01 -13.20
N GLY B 30 -1.62 16.06 -13.95
CA GLY B 30 -0.62 16.85 -14.65
C GLY B 30 0.01 17.93 -13.80
N SER B 31 -0.49 18.11 -12.57
CA SER B 31 0.04 19.10 -11.67
C SER B 31 1.56 18.98 -11.65
N HIS B 32 2.24 20.14 -11.62
CA HIS B 32 3.69 20.19 -11.53
C HIS B 32 4.05 20.73 -10.17
N GLU B 33 3.08 20.79 -9.27
CA GLU B 33 3.28 21.49 -8.01
C GLU B 33 4.48 20.96 -7.24
N LEU B 34 5.43 21.85 -6.98
CA LEU B 34 6.65 21.53 -6.25
C LEU B 34 6.41 21.51 -4.75
N GLY B 35 7.00 20.54 -4.07
CA GLY B 35 6.91 20.50 -2.61
C GLY B 35 7.86 21.53 -2.07
N GLN B 36 7.38 22.31 -1.11
CA GLN B 36 8.16 23.38 -0.50
C GLN B 36 9.12 22.91 0.60
N ASP B 37 8.78 21.79 1.23
CA ASP B 37 9.56 21.24 2.34
C ASP B 37 9.07 19.81 2.60
N TYR B 38 9.69 19.09 3.55
CA TYR B 38 9.35 17.68 3.83
C TYR B 38 7.88 17.45 4.16
N GLU B 39 7.34 18.31 5.03
CA GLU B 39 5.92 18.20 5.40
C GLU B 39 4.98 18.37 4.21
N HIS B 40 5.26 19.36 3.37
CA HIS B 40 4.40 19.63 2.23
C HIS B 40 4.51 18.49 1.18
N VAL B 41 5.73 18.03 0.88
CA VAL B 41 5.89 16.90 -0.09
C VAL B 41 5.17 15.65 0.40
N THR B 42 5.31 15.35 1.69
CA THR B 42 4.54 14.27 2.37
C THR B 42 3.02 14.38 2.09
N MET B 43 2.44 15.54 2.38
CA MET B 43 1.04 15.80 2.04
C MET B 43 0.78 15.53 0.56
N LEU B 44 1.53 16.21 -0.31
CA LEU B 44 1.35 16.08 -1.74
C LEU B 44 1.29 14.60 -2.17
N GLN B 45 2.24 13.83 -1.69
CA GLN B 45 2.36 12.43 -2.10
C GLN B 45 1.16 11.62 -1.65
N GLU B 46 0.68 11.90 -0.44
CA GLU B 46 -0.40 11.11 0.16
C GLU B 46 -1.75 11.46 -0.46
N ARG B 47 -1.94 12.74 -0.79
CA ARG B 47 -3.13 13.18 -1.50
C ARG B 47 -3.23 12.54 -2.87
N PHE B 48 -2.10 12.48 -3.57
CA PHE B 48 -2.08 12.00 -4.95
C PHE B 48 -2.20 10.48 -5.00
N ARG B 49 -1.77 9.82 -3.94
CA ARG B 49 -1.96 8.38 -3.80
C ARG B 49 -3.43 8.03 -3.65
N GLU B 50 -4.15 8.84 -2.88
CA GLU B 50 -5.62 8.72 -2.79
C GLU B 50 -6.32 8.94 -4.18
N PHE B 51 -5.83 9.94 -4.89
CA PHE B 51 -6.35 10.37 -6.17
C PHE B 51 -6.15 9.31 -7.24
N ALA B 52 -4.96 8.74 -7.26
CA ALA B 52 -4.60 7.69 -8.21
C ALA B 52 -5.51 6.49 -8.02
N ARG B 53 -5.73 6.15 -6.75
CA ARG B 53 -6.55 4.99 -6.40
C ARG B 53 -8.04 5.27 -6.71
N ASP B 54 -8.53 6.47 -6.37
CA ASP B 54 -9.91 6.83 -6.67
C ASP B 54 -10.09 6.79 -8.18
N THR B 55 -9.20 7.46 -8.92
CA THR B 55 -9.26 7.52 -10.39
C THR B 55 -9.28 6.15 -11.09
N GLY B 56 -8.34 5.28 -10.72
CA GLY B 56 -8.29 3.88 -11.17
C GLY B 56 -9.56 3.08 -10.88
N ASN B 57 -10.03 3.15 -9.64
CA ASN B 57 -11.24 2.45 -9.24
CA ASN B 57 -11.24 2.45 -9.23
C ASN B 57 -12.44 2.80 -10.11
N ILE B 58 -12.79 4.08 -10.12
CA ILE B 58 -13.93 4.60 -10.87
C ILE B 58 -13.79 4.45 -12.39
N GLY B 59 -12.65 4.89 -12.90
CA GLY B 59 -12.45 4.96 -14.34
C GLY B 59 -12.32 3.61 -15.03
N GLN B 60 -11.61 2.66 -14.43
CA GLN B 60 -11.34 1.39 -15.17
C GLN B 60 -12.66 0.70 -15.53
N GLU B 61 -13.56 0.61 -14.54
CA GLU B 61 -14.87 0.02 -14.74
C GLU B 61 -15.66 0.70 -15.88
N ARG B 62 -15.66 2.04 -15.91
CA ARG B 62 -16.37 2.81 -16.95
C ARG B 62 -15.77 2.56 -18.34
N VAL B 63 -14.44 2.54 -18.42
CA VAL B 63 -13.72 2.26 -19.66
C VAL B 63 -14.06 0.87 -20.19
N ASP B 64 -14.02 -0.12 -19.30
CA ASP B 64 -14.43 -1.49 -19.64
C ASP B 64 -15.87 -1.60 -20.15
N THR B 65 -16.79 -0.89 -19.50
CA THR B 65 -18.20 -0.88 -19.95
C THR B 65 -18.32 -0.27 -21.35
N VAL B 66 -17.71 0.91 -21.54
CA VAL B 66 -17.75 1.51 -22.89
C VAL B 66 -17.08 0.64 -23.96
N ASN B 67 -15.97 0.03 -23.63
CA ASN B 67 -15.29 -0.88 -24.57
C ASN B 67 -16.16 -2.05 -24.94
N HIS B 68 -16.82 -2.62 -23.93
CA HIS B 68 -17.76 -3.71 -24.21
C HIS B 68 -18.87 -3.30 -25.18
N LEU B 69 -19.54 -2.17 -24.89
CA LEU B 69 -20.63 -1.68 -25.77
C LEU B 69 -20.12 -1.46 -27.20
N ALA B 70 -18.94 -0.87 -27.34
CA ALA B 70 -18.41 -0.54 -28.67
C ALA B 70 -18.07 -1.88 -29.39
N ASP B 71 -17.45 -2.83 -28.66
CA ASP B 71 -17.04 -4.10 -29.28
C ASP B 71 -18.25 -4.91 -29.73
N GLU B 72 -19.33 -4.84 -28.96
CA GLU B 72 -20.58 -5.54 -29.32
C GLU B 72 -21.12 -5.03 -30.67
N LEU B 73 -21.10 -3.71 -30.85
CA LEU B 73 -21.58 -3.09 -32.09
C LEU B 73 -20.63 -3.39 -33.26
N ILE B 74 -19.33 -3.15 -33.06
CA ILE B 74 -18.34 -3.46 -34.12
C ILE B 74 -18.38 -4.95 -34.52
N ASN B 75 -18.40 -5.83 -33.51
CA ASN B 75 -18.34 -7.26 -33.77
C ASN B 75 -19.57 -7.74 -34.49
N SER B 76 -20.72 -7.08 -34.26
CA SER B 76 -21.97 -7.47 -34.91
C SER B 76 -22.05 -6.88 -36.32
N GLY B 77 -20.99 -6.18 -36.73
CA GLY B 77 -20.89 -5.64 -38.06
C GLY B 77 -21.82 -4.47 -38.29
N HIS B 78 -21.91 -3.60 -37.29
CA HIS B 78 -22.63 -2.34 -37.44
C HIS B 78 -22.07 -1.50 -38.59
N SER B 79 -22.94 -0.81 -39.31
CA SER B 79 -22.55 -0.08 -40.50
C SER B 79 -21.68 1.12 -40.15
N ASP B 80 -21.72 1.53 -38.89
CA ASP B 80 -20.86 2.65 -38.40
C ASP B 80 -19.64 2.16 -37.63
N ALA B 81 -19.29 0.90 -37.84
CA ALA B 81 -18.14 0.28 -37.19
C ALA B 81 -16.83 1.11 -37.23
N ALA B 82 -16.52 1.72 -38.35
CA ALA B 82 -15.33 2.57 -38.46
C ALA B 82 -15.38 3.73 -37.47
N THR B 83 -16.52 4.41 -37.41
CA THR B 83 -16.71 5.52 -36.43
C THR B 83 -16.64 5.02 -35.02
N ILE B 84 -17.33 3.90 -34.76
CA ILE B 84 -17.37 3.32 -33.42
C ILE B 84 -15.96 2.93 -32.95
N ALA B 85 -15.18 2.38 -33.85
CA ALA B 85 -13.78 2.05 -33.55
C ALA B 85 -12.97 3.31 -33.27
N GLU B 86 -13.28 4.38 -33.98
CA GLU B 86 -12.63 5.66 -33.76
C GLU B 86 -12.90 6.18 -32.35
N TRP B 87 -14.17 6.16 -31.95
CA TRP B 87 -14.55 6.46 -30.55
C TRP B 87 -13.76 5.68 -29.53
N LYS B 88 -13.82 4.35 -29.66
CA LYS B 88 -13.12 3.42 -28.78
C LYS B 88 -11.60 3.70 -28.67
N ASP B 89 -10.94 3.87 -29.81
CA ASP B 89 -9.50 4.19 -29.82
C ASP B 89 -9.19 5.47 -29.10
N GLY B 90 -10.03 6.49 -29.31
CA GLY B 90 -9.78 7.81 -28.72
C GLY B 90 -9.92 7.73 -27.21
N LEU B 91 -10.89 6.92 -26.77
CA LEU B 91 -11.12 6.71 -25.36
C LEU B 91 -9.98 5.97 -24.74
N ASN B 92 -9.56 4.88 -25.37
CA ASN B 92 -8.51 4.04 -24.80
C ASN B 92 -7.18 4.78 -24.73
N GLU B 93 -6.89 5.58 -25.74
CA GLU B 93 -5.71 6.47 -25.75
C GLU B 93 -5.73 7.50 -24.61
N ALA B 94 -6.86 8.19 -24.44
CA ALA B 94 -7.01 9.16 -23.36
C ALA B 94 -6.77 8.51 -21.98
N TRP B 95 -7.35 7.34 -21.79
CA TRP B 95 -7.27 6.60 -20.52
C TRP B 95 -5.83 6.13 -20.28
N ALA B 96 -5.20 5.59 -21.31
CA ALA B 96 -3.79 5.15 -21.19
C ALA B 96 -2.86 6.31 -20.87
N ASP B 97 -3.08 7.44 -21.54
CA ASP B 97 -2.30 8.66 -21.30
C ASP B 97 -2.42 9.11 -19.85
N LEU B 98 -3.65 9.11 -19.31
CA LEU B 98 -3.93 9.51 -17.92
C LEU B 98 -3.22 8.62 -16.92
N LEU B 99 -3.30 7.32 -17.17
CA LEU B 99 -2.68 6.34 -16.29
C LEU B 99 -1.19 6.50 -16.35
N GLU B 100 -0.64 6.78 -17.53
CA GLU B 100 0.79 7.07 -17.67
CA GLU B 100 0.73 7.10 -17.62
C GLU B 100 1.23 8.29 -16.88
N LEU B 101 0.45 9.36 -17.02
CA LEU B 101 0.66 10.59 -16.27
C LEU B 101 0.56 10.38 -14.75
N ILE B 102 -0.42 9.59 -14.30
CA ILE B 102 -0.51 9.22 -12.90
C ILE B 102 0.78 8.51 -12.45
N ASP B 103 1.26 7.59 -13.27
CA ASP B 103 2.53 6.92 -13.00
C ASP B 103 3.71 7.90 -12.87
N THR B 104 3.82 8.82 -13.80
CA THR B 104 4.94 9.74 -13.82
C THR B 104 4.92 10.64 -12.59
N ARG B 105 3.75 11.18 -12.27
CA ARG B 105 3.62 12.06 -11.11
C ARG B 105 3.87 11.31 -9.80
N THR B 106 3.39 10.07 -9.73
CA THR B 106 3.62 9.22 -8.57
C THR B 106 5.11 9.01 -8.35
N GLN B 107 5.84 8.76 -9.43
CA GLN B 107 7.33 8.64 -9.38
CA GLN B 107 7.26 8.68 -9.31
C GLN B 107 8.06 9.92 -8.93
N ILE B 108 7.65 11.02 -9.55
CA ILE B 108 8.24 12.33 -9.27
C ILE B 108 8.06 12.70 -7.80
N LEU B 109 6.93 12.31 -7.23
CA LEU B 109 6.60 12.65 -5.85
C LEU B 109 7.29 11.71 -4.87
N ALA B 110 7.47 10.46 -5.27
CA ALA B 110 8.33 9.51 -4.52
C ALA B 110 9.81 9.94 -4.48
N ALA B 111 10.36 10.37 -5.62
CA ALA B 111 11.72 10.91 -5.65
C ALA B 111 11.85 12.11 -4.74
N SER B 112 10.89 13.01 -4.84
CA SER B 112 10.95 14.25 -4.07
C SER B 112 10.89 13.97 -2.58
N TYR B 113 9.98 13.06 -2.21
CA TYR B 113 9.79 12.62 -0.84
C TYR B 113 11.10 12.09 -0.24
N GLU B 114 11.76 11.18 -0.99
CA GLU B 114 13.01 10.59 -0.57
C GLU B 114 14.12 11.60 -0.34
N LEU B 115 14.16 12.61 -1.22
CA LEU B 115 15.14 13.67 -1.14
C LEU B 115 14.90 14.58 0.05
N HIS B 116 13.64 14.96 0.28
CA HIS B 116 13.28 15.76 1.45
C HIS B 116 13.48 14.99 2.73
N LYS B 117 13.26 13.68 2.68
CA LYS B 117 13.43 12.85 3.87
C LYS B 117 14.91 12.75 4.26
N PHE B 118 15.81 12.71 3.27
CA PHE B 118 17.24 12.67 3.58
C PHE B 118 17.61 13.88 4.43
N TYR B 119 17.18 15.07 4.00
CA TYR B 119 17.58 16.32 4.68
C TYR B 119 16.95 16.40 6.06
N HIS B 120 15.75 15.84 6.15
CA HIS B 120 15.03 15.70 7.42
C HIS B 120 15.77 14.78 8.41
N ASP B 121 16.12 13.57 7.97
CA ASP B 121 16.85 12.62 8.81
C ASP B 121 18.25 13.15 9.18
N ALA B 122 18.88 13.86 8.27
CA ALA B 122 20.20 14.42 8.56
C ALA B 122 20.09 15.48 9.64
N LYS B 123 19.06 16.33 9.57
CA LYS B 123 18.84 17.34 10.60
C LYS B 123 18.62 16.68 11.97
N GLU B 124 17.80 15.62 11.98
CA GLU B 124 17.47 14.89 13.21
C GLU B 124 18.65 14.12 13.81
N ILE B 125 19.40 13.40 12.98
CA ILE B 125 20.59 12.67 13.46
C ILE B 125 21.64 13.67 13.98
N PHE B 126 21.83 14.74 13.21
CA PHE B 126 22.78 15.76 13.59
C PHE B 126 22.45 16.32 14.98
N GLY B 127 21.16 16.61 15.21
CA GLY B 127 20.69 17.22 16.46
C GLY B 127 20.87 16.27 17.63
N ARG B 128 20.53 15.00 17.39
CA ARG B 128 20.74 13.94 18.38
C ARG B 128 22.22 13.73 18.73
N ILE B 129 23.09 13.74 17.72
CA ILE B 129 24.53 13.66 17.98
C ILE B 129 24.99 14.81 18.92
N GLN B 130 24.60 16.03 18.58
CA GLN B 130 25.06 17.20 19.31
C GLN B 130 24.49 17.23 20.72
N ASP B 131 23.22 16.85 20.85
CA ASP B 131 22.58 16.76 22.16
C ASP B 131 23.28 15.75 23.05
N LYS B 132 23.74 14.65 22.46
CA LYS B 132 24.44 13.61 23.20
C LYS B 132 25.85 14.06 23.58
N HIS B 133 26.56 14.64 22.62
CA HIS B 133 27.87 15.22 22.87
C HIS B 133 27.82 16.16 24.08
N LYS B 134 26.68 16.78 24.30
CA LYS B 134 26.55 17.84 25.29
C LYS B 134 26.36 17.26 26.69
N LYS B 135 25.86 16.03 26.75
CA LYS B 135 25.55 15.39 28.03
C LYS B 135 26.76 14.65 28.59
N LEU B 136 27.94 15.02 28.12
CA LEU B 136 29.13 14.21 28.31
C LEU B 136 30.07 14.84 29.33
N PRO B 137 30.14 14.26 30.52
CA PRO B 137 30.84 14.86 31.65
C PRO B 137 32.29 15.21 31.30
N GLU B 138 32.88 16.15 32.04
CA GLU B 138 34.30 16.44 31.91
C GLU B 138 35.10 15.75 33.02
N GLU B 139 34.42 15.37 34.09
CA GLU B 139 35.08 15.03 35.34
C GLU B 139 35.53 13.57 35.34
N LEU B 140 36.61 13.30 36.06
CA LEU B 140 37.20 11.96 36.08
C LEU B 140 36.96 11.27 37.43
N GLY B 141 37.05 12.06 38.50
CA GLY B 141 36.50 11.65 39.78
C GLY B 141 37.55 11.66 40.88
N ARG B 142 37.13 11.30 42.09
CA ARG B 142 37.75 11.82 43.30
C ARG B 142 38.52 10.74 44.03
N ASP B 143 37.96 9.53 44.07
CA ASP B 143 38.66 8.37 44.61
C ASP B 143 38.53 7.16 43.68
N GLN B 144 39.03 6.02 44.14
CA GLN B 144 38.87 4.77 43.39
C GLN B 144 37.40 4.47 43.13
N ASN B 145 36.58 4.58 44.17
CA ASN B 145 35.13 4.19 44.09
CA ASN B 145 35.14 4.19 44.08
C ASN B 145 34.33 5.03 43.17
N THR B 146 34.61 6.32 43.08
CA THR B 146 33.84 7.22 42.22
C THR B 146 34.30 7.13 40.77
N VAL B 147 35.59 6.88 40.59
CA VAL B 147 36.15 6.68 39.25
C VAL B 147 35.60 5.39 38.63
N GLU B 148 35.52 4.29 39.39
CA GLU B 148 34.95 3.07 38.80
C GLU B 148 33.47 3.21 38.47
N THR B 149 32.73 4.00 39.25
CA THR B 149 31.35 4.31 38.91
C THR B 149 31.28 5.11 37.63
N LEU B 150 32.09 6.16 37.53
CA LEU B 150 32.15 6.94 36.30
C LEU B 150 32.57 6.11 35.07
N GLN B 151 33.50 5.18 35.26
CA GLN B 151 33.94 4.27 34.18
C GLN B 151 32.76 3.45 33.70
N ARG B 152 31.97 2.93 34.64
CA ARG B 152 30.79 2.13 34.30
C ARG B 152 29.66 2.94 33.65
N MET B 153 29.52 4.20 34.06
CA MET B 153 28.56 5.11 33.44
C MET B 153 29.00 5.39 32.01
N HIS B 154 30.30 5.48 31.79
CA HIS B 154 30.80 5.82 30.48
C HIS B 154 30.64 4.64 29.55
N THR B 155 30.89 3.44 30.08
CA THR B 155 30.66 2.22 29.35
C THR B 155 29.21 2.15 28.87
N THR B 156 28.28 2.51 29.73
CA THR B 156 26.87 2.59 29.33
C THR B 156 26.58 3.69 28.28
N PHE B 157 27.19 4.85 28.43
CA PHE B 157 27.07 5.95 27.46
C PHE B 157 27.52 5.49 26.06
N GLU B 158 28.70 4.89 26.01
CA GLU B 158 29.27 4.41 24.75
C GLU B 158 28.41 3.30 24.15
N HIS B 159 27.86 2.44 25.03
CA HIS B 159 26.80 1.53 24.64
C HIS B 159 25.63 2.27 24.03
N ASP B 160 25.25 3.39 24.66
CA ASP B 160 23.95 4.00 24.41
C ASP B 160 24.01 4.96 23.24
N ILE B 161 25.18 5.08 22.62
CA ILE B 161 25.34 5.83 21.36
C ILE B 161 25.43 4.97 20.08
N GLN B 162 25.69 3.67 20.25
CA GLN B 162 25.72 2.76 19.06
C GLN B 162 24.44 2.77 18.22
N ALA B 163 23.31 3.05 18.87
CA ALA B 163 22.04 3.22 18.17
C ALA B 163 22.10 4.41 17.21
N LEU B 164 22.76 5.51 17.64
CA LEU B 164 22.93 6.69 16.76
C LEU B 164 23.88 6.36 15.64
N GLY B 165 24.93 5.60 15.97
CA GLY B 165 25.84 5.11 14.97
C GLY B 165 25.09 4.38 13.87
N THR B 166 24.19 3.48 14.28
CA THR B 166 23.39 2.75 13.30
C THR B 166 22.59 3.68 12.43
N GLN B 167 22.04 4.75 13.02
CA GLN B 167 21.25 5.73 12.27
C GLN B 167 22.16 6.52 11.31
N VAL B 168 23.37 6.86 11.79
CA VAL B 168 24.38 7.44 10.91
C VAL B 168 24.69 6.55 9.69
N ARG B 169 25.00 5.26 9.89
CA ARG B 169 25.28 4.36 8.76
C ARG B 169 24.10 4.26 7.80
N GLN B 170 22.86 4.18 8.31
CA GLN B 170 21.64 4.28 7.48
C GLN B 170 21.57 5.55 6.62
N LEU B 171 21.84 6.70 7.24
CA LEU B 171 21.93 7.96 6.51
C LEU B 171 22.96 7.88 5.37
N GLN B 172 24.11 7.27 5.64
CA GLN B 172 25.12 7.05 4.63
C GLN B 172 24.62 6.23 3.47
N GLU B 173 23.89 5.15 3.74
CA GLU B 173 23.29 4.37 2.64
C GLU B 173 22.27 5.13 1.82
N ASP B 174 21.41 5.90 2.50
CA ASP B 174 20.44 6.77 1.83
C ASP B 174 21.14 7.78 0.92
N ALA B 175 22.17 8.43 1.45
CA ALA B 175 22.95 9.42 0.67
C ALA B 175 23.51 8.77 -0.58
N ALA B 176 24.04 7.56 -0.44
CA ALA B 176 24.57 6.80 -1.58
C ALA B 176 23.51 6.53 -2.66
N ARG B 177 22.34 6.08 -2.23
CA ARG B 177 21.23 5.83 -3.15
CA ARG B 177 21.24 5.82 -3.15
C ARG B 177 20.79 7.11 -3.84
N LEU B 178 20.82 8.21 -3.11
CA LEU B 178 20.32 9.48 -3.64
C LEU B 178 21.31 10.13 -4.59
N GLN B 179 22.60 10.07 -4.26
CA GLN B 179 23.68 10.51 -5.13
C GLN B 179 23.73 9.78 -6.48
N ALA B 180 23.29 8.52 -6.54
CA ALA B 180 23.26 7.84 -7.84
C ALA B 180 22.12 8.37 -8.70
N ALA B 181 21.08 8.90 -8.06
CA ALA B 181 19.90 9.39 -8.76
C ALA B 181 20.18 10.73 -9.43
N TYR B 182 21.03 11.53 -8.81
CA TYR B 182 21.15 12.94 -9.14
C TYR B 182 22.57 13.30 -9.55
N ALA B 183 22.82 14.59 -9.76
CA ALA B 183 24.14 15.06 -10.18
C ALA B 183 24.26 16.57 -9.98
N GLY B 184 25.44 17.10 -10.32
CA GLY B 184 25.67 18.53 -10.25
C GLY B 184 25.36 19.10 -8.87
N ASP B 185 24.61 20.21 -8.86
CA ASP B 185 24.32 20.91 -7.61
CA ASP B 185 24.32 20.91 -7.61
C ASP B 185 23.86 19.95 -6.53
N LYS B 186 23.01 19.00 -6.91
CA LYS B 186 22.21 18.25 -5.94
C LYS B 186 23.05 17.17 -5.26
N ALA B 187 23.53 16.22 -6.04
CA ALA B 187 24.44 15.20 -5.52
C ALA B 187 25.54 15.82 -4.67
N ASP B 188 25.92 17.05 -5.00
CA ASP B 188 26.89 17.80 -4.20
C ASP B 188 26.34 18.14 -2.82
N ASP B 189 25.12 18.65 -2.77
CA ASP B 189 24.53 19.13 -1.53
C ASP B 189 24.24 17.98 -0.57
N ILE B 190 23.90 16.82 -1.13
CA ILE B 190 23.76 15.61 -0.34
C ILE B 190 25.08 15.20 0.29
N GLN B 191 26.16 15.32 -0.46
CA GLN B 191 27.52 14.99 0.04
C GLN B 191 27.96 15.88 1.20
N LYS B 192 27.65 17.17 1.06
CA LYS B 192 28.01 18.15 2.07
C LYS B 192 27.20 17.84 3.31
N ARG B 193 25.91 17.61 3.14
CA ARG B 193 25.05 17.36 4.28
C ARG B 193 25.46 16.07 5.01
N GLU B 194 25.72 15.02 4.26
CA GLU B 194 26.20 13.78 4.85
C GLU B 194 27.50 14.03 5.65
N ASN B 195 28.42 14.79 5.05
CA ASN B 195 29.69 15.15 5.70
C ASN B 195 29.54 15.89 7.02
N GLU B 196 28.61 16.84 7.08
CA GLU B 196 28.35 17.56 8.32
C GLU B 196 27.97 16.62 9.46
N VAL B 197 27.21 15.58 9.13
CA VAL B 197 26.75 14.60 10.11
C VAL B 197 27.87 13.62 10.53
N LEU B 198 28.67 13.21 9.55
CA LEU B 198 29.82 12.32 9.77
C LEU B 198 30.88 12.97 10.63
N GLU B 199 31.18 14.25 10.38
CA GLU B 199 32.12 15.01 11.22
C GLU B 199 31.60 15.19 12.64
N ALA B 200 30.29 15.40 12.81
CA ALA B 200 29.70 15.55 14.15
C ALA B 200 29.81 14.22 14.91
N TRP B 201 29.43 13.14 14.23
CA TRP B 201 29.61 11.78 14.72
C TRP B 201 31.07 11.47 15.10
N LYS B 202 32.01 11.68 14.16
CA LYS B 202 33.46 11.52 14.40
C LYS B 202 33.87 12.21 15.70
N SER B 203 33.45 13.46 15.87
CA SER B 203 33.79 14.25 17.03
C SER B 203 33.22 13.69 18.35
N LEU B 204 32.02 13.12 18.30
CA LEU B 204 31.43 12.48 19.47
C LEU B 204 32.26 11.26 19.88
N LEU B 205 32.62 10.43 18.90
CA LEU B 205 33.42 9.23 19.18
C LEU B 205 34.82 9.56 19.72
N ASP B 206 35.46 10.54 19.11
CA ASP B 206 36.77 11.04 19.54
C ASP B 206 36.67 11.48 20.98
N ALA B 207 35.58 12.18 21.34
CA ALA B 207 35.41 12.65 22.70
C ALA B 207 35.09 11.53 23.68
N CYS B 208 34.33 10.53 23.24
CA CYS B 208 34.10 9.34 24.07
C CYS B 208 35.39 8.56 24.34
N GLU B 209 36.25 8.46 23.32
CA GLU B 209 37.53 7.74 23.45
C GLU B 209 38.48 8.47 24.38
N SER B 210 38.54 9.80 24.26
CA SER B 210 39.43 10.63 25.08
C SER B 210 38.97 10.52 26.54
N ARG B 211 37.66 10.52 26.76
CA ARG B 211 37.14 10.33 28.12
C ARG B 211 37.40 8.90 28.66
N ARG B 212 37.17 7.87 27.86
CA ARG B 212 37.52 6.49 28.28
C ARG B 212 38.99 6.46 28.73
N VAL B 213 39.89 6.94 27.88
CA VAL B 213 41.30 6.92 28.24
C VAL B 213 41.66 7.65 29.54
N ARG B 214 41.10 8.85 29.73
CA ARG B 214 41.38 9.64 30.91
C ARG B 214 40.87 8.97 32.18
N LEU B 215 39.68 8.39 32.10
CA LEU B 215 39.14 7.60 33.21
C LEU B 215 40.01 6.37 33.54
N VAL B 216 40.56 5.70 32.53
CA VAL B 216 41.50 4.59 32.80
C VAL B 216 42.76 5.12 33.53
N ASP B 217 43.29 6.24 33.05
CA ASP B 217 44.49 6.84 33.65
C ASP B 217 44.26 7.21 35.11
N THR B 218 43.15 7.88 35.37
CA THR B 218 42.81 8.29 36.73
C THR B 218 42.48 7.10 37.61
N GLY B 219 41.83 6.09 37.02
CA GLY B 219 41.58 4.84 37.71
C GLY B 219 42.86 4.14 38.14
N ASP B 220 43.80 4.03 37.21
CA ASP B 220 45.09 3.39 37.48
C ASP B 220 45.84 4.13 38.57
N LYS B 221 45.81 5.46 38.52
CA LYS B 221 46.41 6.29 39.55
C LYS B 221 45.92 5.89 40.94
N PHE B 222 44.59 5.84 41.09
CA PHE B 222 43.98 5.62 42.40
C PHE B 222 44.13 4.17 42.83
N ARG B 223 44.20 3.26 41.86
CA ARG B 223 44.56 1.87 42.13
C ARG B 223 45.95 1.77 42.73
N PHE B 224 46.94 2.38 42.07
CA PHE B 224 48.29 2.42 42.58
C PHE B 224 48.35 2.97 44.01
N PHE B 225 47.74 4.15 44.23
CA PHE B 225 47.75 4.83 45.51
C PHE B 225 47.19 3.95 46.64
N SER B 226 46.12 3.21 46.33
CA SER B 226 45.48 2.27 47.25
C SER B 226 46.41 1.07 47.57
N MET B 227 47.13 0.58 46.56
CA MET B 227 48.13 -0.47 46.78
C MET B 227 49.21 0.02 47.74
N VAL B 228 49.69 1.24 47.52
CA VAL B 228 50.74 1.83 48.36
C VAL B 228 50.19 1.95 49.77
N ARG B 229 49.00 2.53 49.90
CA ARG B 229 48.42 2.72 51.22
C ARG B 229 48.32 1.41 51.99
N ASP B 230 47.80 0.37 51.36
CA ASP B 230 47.63 -0.91 52.06
C ASP B 230 48.97 -1.42 52.59
N LEU B 231 50.00 -1.34 51.76
CA LEU B 231 51.34 -1.80 52.14
C LEU B 231 51.90 -0.96 53.28
N MET B 232 51.77 0.36 53.15
CA MET B 232 52.23 1.30 54.20
C MET B 232 51.59 1.00 55.56
N LEU B 233 50.29 0.72 55.58
CA LEU B 233 49.55 0.45 56.83
C LEU B 233 50.03 -0.87 57.42
N TRP B 234 50.20 -1.86 56.55
CA TRP B 234 50.67 -3.15 56.95
C TRP B 234 52.08 -3.05 57.52
N MET B 235 52.98 -2.36 56.81
CA MET B 235 54.37 -2.19 57.29
C MET B 235 54.43 -1.53 58.69
N GLU B 236 53.54 -0.57 58.94
CA GLU B 236 53.51 0.12 60.23
C GLU B 236 53.06 -0.84 61.34
N ASP B 237 52.13 -1.75 60.99
CA ASP B 237 51.68 -2.82 61.87
C ASP B 237 52.82 -3.75 62.26
N VAL B 238 53.60 -4.17 61.27
CA VAL B 238 54.78 -5.04 61.49
C VAL B 238 55.83 -4.34 62.37
N ILE B 239 56.13 -3.09 62.05
CA ILE B 239 57.01 -2.28 62.93
C ILE B 239 56.50 -2.21 64.39
N ARG B 240 55.21 -1.91 64.57
CA ARG B 240 54.60 -1.84 65.93
C ARG B 240 54.66 -3.21 66.64
N GLN B 241 54.31 -4.26 65.92
CA GLN B 241 54.56 -5.61 66.39
C GLN B 241 55.96 -5.83 66.96
N ILE B 242 56.96 -5.40 66.20
CA ILE B 242 58.35 -5.58 66.61
C ILE B 242 58.64 -4.73 67.85
N GLU B 243 58.23 -3.46 67.81
CA GLU B 243 58.38 -2.56 68.97
C GLU B 243 57.71 -3.08 70.25
N ALA B 244 56.66 -3.88 70.11
CA ALA B 244 55.92 -4.36 71.28
C ALA B 244 56.56 -5.55 72.01
N GLN B 245 57.58 -6.14 71.38
CA GLN B 245 58.22 -7.33 71.92
C GLN B 245 59.00 -6.99 73.18
N GLU B 246 58.79 -7.80 74.21
CA GLU B 246 59.46 -7.60 75.48
C GLU B 246 60.78 -8.35 75.50
N LYS B 247 61.82 -7.70 76.00
CA LYS B 247 63.13 -8.35 76.14
C LYS B 247 62.95 -9.64 76.97
N PRO B 248 63.46 -10.78 76.46
CA PRO B 248 63.33 -12.04 77.21
C PRO B 248 64.15 -12.05 78.50
N ARG B 249 63.61 -12.71 79.53
CA ARG B 249 64.27 -12.78 80.82
C ARG B 249 64.79 -14.16 81.19
N ASP B 250 64.57 -15.15 80.31
CA ASP B 250 65.09 -16.52 80.51
C ASP B 250 65.13 -17.27 79.18
N VAL B 251 65.66 -18.49 79.15
CA VAL B 251 65.88 -19.16 77.85
C VAL B 251 64.57 -19.54 77.13
N SER B 252 63.55 -19.90 77.90
CA SER B 252 62.25 -20.27 77.32
C SER B 252 61.60 -19.04 76.67
N SER B 253 61.86 -17.86 77.26
CA SER B 253 61.35 -16.61 76.70
C SER B 253 62.08 -16.18 75.43
N VAL B 254 63.41 -16.32 75.42
CA VAL B 254 64.18 -16.16 74.19
C VAL B 254 63.64 -17.08 73.08
N GLU B 255 63.41 -18.36 73.43
CA GLU B 255 62.97 -19.34 72.44
C GLU B 255 61.66 -18.89 71.85
N LEU B 256 60.72 -18.53 72.72
CA LEU B 256 59.40 -18.08 72.30
C LEU B 256 59.50 -16.86 71.36
N LEU B 257 60.29 -15.87 71.77
CA LEU B 257 60.43 -14.62 71.02
C LEU B 257 61.12 -14.83 69.66
N MET B 258 62.15 -15.68 69.61
CA MET B 258 62.77 -16.00 68.32
CA MET B 258 62.76 -16.00 68.32
C MET B 258 61.75 -16.67 67.41
N ASN B 259 60.98 -17.62 67.95
CA ASN B 259 59.91 -18.27 67.17
C ASN B 259 58.92 -17.23 66.64
N ASN B 260 58.47 -16.32 67.51
CA ASN B 260 57.50 -15.30 67.13
C ASN B 260 58.04 -14.35 66.09
N HIS B 261 59.27 -13.93 66.29
CA HIS B 261 59.99 -13.06 65.37
C HIS B 261 60.15 -13.71 63.99
N GLN B 262 60.50 -15.00 64.00
CA GLN B 262 60.60 -15.77 62.77
C GLN B 262 59.24 -15.89 62.08
N GLY B 263 58.18 -15.92 62.88
CA GLY B 263 56.83 -15.83 62.36
C GLY B 263 56.58 -14.52 61.63
N ILE B 264 57.19 -13.45 62.11
CA ILE B 264 57.01 -12.13 61.52
C ILE B 264 57.72 -12.02 60.18
N LYS B 265 58.91 -12.60 60.10
CA LYS B 265 59.64 -12.69 58.83
C LYS B 265 58.81 -13.40 57.77
N ALA B 266 58.08 -14.43 58.19
CA ALA B 266 57.19 -15.16 57.28
C ALA B 266 56.05 -14.28 56.80
N GLU B 267 55.47 -13.50 57.71
CA GLU B 267 54.52 -12.47 57.35
CA GLU B 267 54.52 -12.47 57.35
C GLU B 267 55.11 -11.53 56.30
N ILE B 268 56.32 -11.03 56.56
CA ILE B 268 56.97 -10.08 55.67
C ILE B 268 57.19 -10.70 54.28
N ASP B 269 57.75 -11.90 54.26
CA ASP B 269 58.10 -12.54 53.00
C ASP B 269 56.86 -12.84 52.16
N ALA B 270 55.77 -13.19 52.84
CA ALA B 270 54.49 -13.42 52.16
C ALA B 270 53.94 -12.21 51.41
N ARG B 271 54.49 -11.02 51.69
CA ARG B 271 54.06 -9.81 50.96
C ARG B 271 54.87 -9.50 49.70
N ASN B 272 55.88 -10.33 49.36
CA ASN B 272 56.82 -10.04 48.27
C ASN B 272 56.13 -9.71 46.95
N ASP B 273 55.14 -10.52 46.58
CA ASP B 273 54.35 -10.33 45.34
C ASP B 273 53.51 -9.06 45.37
N SER B 274 53.00 -8.68 46.55
CA SER B 274 52.25 -7.42 46.70
C SER B 274 53.13 -6.19 46.45
N PHE B 275 54.38 -6.23 46.91
CA PHE B 275 55.31 -5.14 46.65
C PHE B 275 55.60 -5.05 45.15
N THR B 276 55.94 -6.20 44.58
CA THR B 276 56.22 -6.34 43.14
C THR B 276 55.10 -5.82 42.25
N THR B 277 53.87 -6.31 42.45
CA THR B 277 52.67 -5.77 41.78
C THR B 277 52.55 -4.26 41.88
N CYS B 278 52.61 -3.73 43.11
CA CYS B 278 52.52 -2.29 43.36
C CYS B 278 53.60 -1.47 42.68
N ILE B 279 54.85 -1.89 42.81
CA ILE B 279 56.00 -1.18 42.24
C ILE B 279 55.96 -1.24 40.69
N GLU B 280 55.63 -2.40 40.15
CA GLU B 280 55.53 -2.58 38.71
C GLU B 280 54.51 -1.61 38.11
N LEU B 281 53.34 -1.53 38.73
CA LEU B 281 52.30 -0.59 38.30
C LEU B 281 52.81 0.84 38.31
N GLY B 282 53.33 1.27 39.45
CA GLY B 282 53.90 2.60 39.57
C GLY B 282 54.91 2.90 38.49
N LYS B 283 55.81 1.96 38.25
CA LYS B 283 56.86 2.13 37.25
C LYS B 283 56.27 2.18 35.84
N SER B 284 55.23 1.39 35.62
CA SER B 284 54.47 1.45 34.37
C SER B 284 53.95 2.87 34.12
N LEU B 285 53.24 3.41 35.09
CA LEU B 285 52.62 4.72 34.94
C LEU B 285 53.66 5.79 34.61
N LEU B 286 54.81 5.70 35.27
CA LEU B 286 55.95 6.58 34.95
C LEU B 286 56.44 6.44 33.51
N ALA B 287 56.55 5.19 33.06
CA ALA B 287 56.97 4.90 31.68
C ALA B 287 56.05 5.53 30.67
N ARG B 288 54.77 5.59 31.00
CA ARG B 288 53.80 6.19 30.08
CA ARG B 288 53.78 6.17 30.10
C ARG B 288 53.51 7.66 30.38
N LYS B 289 54.47 8.31 31.03
CA LYS B 289 54.39 9.72 31.36
C LYS B 289 53.00 10.14 31.90
N HIS B 290 52.49 9.38 32.87
CA HIS B 290 51.20 9.67 33.55
C HIS B 290 51.20 11.10 34.10
N TYR B 291 50.05 11.77 34.06
CA TYR B 291 49.98 13.13 34.58
C TYR B 291 50.33 13.28 36.06
N ALA B 292 50.20 12.18 36.81
CA ALA B 292 50.45 12.19 38.25
C ALA B 292 51.81 11.59 38.57
N SER B 293 52.75 11.76 37.66
CA SER B 293 54.04 11.07 37.75
C SER B 293 54.81 11.51 39.00
N GLU B 294 54.60 12.76 39.40
CA GLU B 294 55.37 13.34 40.49
C GLU B 294 54.93 12.79 41.84
N GLU B 295 53.62 12.72 42.05
CA GLU B 295 53.06 11.99 43.19
C GLU B 295 53.55 10.55 43.20
N ILE B 296 53.61 9.93 42.03
CA ILE B 296 53.83 8.49 41.92
C ILE B 296 55.26 8.11 42.31
N LYS B 297 56.21 8.95 41.92
CA LYS B 297 57.58 8.80 42.37
C LYS B 297 57.70 9.00 43.88
N GLU B 298 57.05 10.05 44.39
CA GLU B 298 57.00 10.30 45.82
C GLU B 298 56.53 9.07 46.58
N LYS B 299 55.44 8.47 46.11
CA LYS B 299 54.88 7.29 46.75
C LYS B 299 55.78 6.07 46.61
N LEU B 300 56.47 5.92 45.48
CA LEU B 300 57.41 4.81 45.33
C LEU B 300 58.60 4.95 46.29
N LEU B 301 59.07 6.18 46.44
CA LEU B 301 60.15 6.47 47.39
C LEU B 301 59.70 6.28 48.84
N GLN B 302 58.48 6.72 49.19
CA GLN B 302 57.95 6.54 50.55
C GLN B 302 57.81 5.05 50.87
N LEU B 303 57.36 4.27 49.88
CA LEU B 303 57.18 2.82 50.04
C LEU B 303 58.50 2.13 50.30
N THR B 304 59.51 2.50 49.53
CA THR B 304 60.80 1.83 49.68
C THR B 304 61.56 2.30 50.93
N GLU B 305 61.29 3.51 51.40
CA GLU B 305 61.89 3.99 52.66
C GLU B 305 61.22 3.32 53.87
N LYS B 306 59.92 3.08 53.78
CA LYS B 306 59.20 2.40 54.86
C LYS B 306 59.57 0.93 54.90
N ARG B 307 59.72 0.31 53.73
CA ARG B 307 60.10 -1.08 53.63
C ARG B 307 61.51 -1.31 54.25
N LYS B 308 62.41 -0.35 54.02
CA LYS B 308 63.75 -0.39 54.62
C LYS B 308 63.71 -0.18 56.12
N GLU B 309 62.96 0.81 56.61
CA GLU B 309 62.68 0.94 58.04
C GLU B 309 62.24 -0.40 58.67
N MET B 310 61.34 -1.09 57.98
CA MET B 310 60.73 -2.32 58.51
C MET B 310 61.73 -3.47 58.54
N ILE B 311 62.44 -3.65 57.43
CA ILE B 311 63.45 -4.70 57.33
C ILE B 311 64.62 -4.44 58.29
N ASP B 312 65.13 -3.21 58.34
CA ASP B 312 66.16 -2.81 59.35
C ASP B 312 65.75 -3.12 60.79
N LYS B 313 64.51 -2.79 61.12
CA LYS B 313 64.03 -3.04 62.47
CA LYS B 313 63.94 -3.05 62.45
C LYS B 313 63.92 -4.55 62.75
N TRP B 314 63.51 -5.32 61.74
CA TRP B 314 63.43 -6.77 61.88
C TRP B 314 64.86 -7.33 62.07
N GLU B 315 65.79 -6.90 61.21
CA GLU B 315 67.15 -7.47 61.25
C GLU B 315 67.87 -7.14 62.53
N ASP B 316 67.65 -5.92 63.05
CA ASP B 316 68.25 -5.46 64.32
C ASP B 316 67.74 -6.29 65.49
N ARG B 317 66.45 -6.62 65.47
CA ARG B 317 65.85 -7.44 66.52
C ARG B 317 66.35 -8.87 66.47
N TRP B 318 66.37 -9.44 65.26
CA TRP B 318 66.86 -10.80 65.06
C TRP B 318 68.28 -10.96 65.60
N GLU B 319 69.17 -10.04 65.21
CA GLU B 319 70.60 -10.23 65.40
C GLU B 319 70.99 -10.00 66.86
N TRP B 320 70.12 -9.33 67.60
CA TRP B 320 70.30 -9.17 69.04
C TRP B 320 69.60 -10.28 69.82
N LEU B 321 68.77 -11.05 69.12
CA LEU B 321 68.17 -12.25 69.69
C LEU B 321 69.08 -13.46 69.51
N ARG B 322 69.99 -13.37 68.54
CA ARG B 322 71.01 -14.39 68.35
C ARG B 322 71.57 -14.86 69.69
MG MG C . -46.27 2.78 -15.91
MG MG D . -59.81 21.11 -56.11
MG MG E . -5.81 -4.53 -1.22
MG MG F . -49.38 6.26 -36.77
MG MG G . -63.47 21.27 -70.26
MG MG H . 31.90 -23.18 23.72
MG MG I . -5.43 16.40 -22.78
MG MG J . 6.42 23.94 6.47
MG MG K . 57.27 5.01 66.07
MG MG L . -9.38 -5.38 -16.69
MG MG M . -10.79 11.81 -29.74
MG MG N . -14.48 9.92 -40.83
MG MG O . -18.12 12.52 -30.32
#